data_1QFX
#
_entry.id   1QFX
#
_cell.length_a   170.600
_cell.length_b   170.600
_cell.length_c   201.150
_cell.angle_alpha   90.00
_cell.angle_beta   90.00
_cell.angle_gamma   120.00
#
_symmetry.space_group_name_H-M   'P 61 2 2'
#
loop_
_entity.id
_entity.type
_entity.pdbx_description
1 polymer 'PROTEIN (PH 2.5 ACID PHOSPHATASE)'
2 branched alpha-D-mannopyranose-(1-2)-alpha-D-mannopyranose-(1-2)-alpha-D-mannopyranose-(1-3)-[alpha-D-mannopyranose-(1-6)]beta-D-mannopyranose-(1-4)-2-acetamido-2-deoxy-beta-D-glucopyranose-(1-4)-2-acetamido-2-deoxy-beta-D-glucopyranose
3 branched alpha-D-mannopyranose-(1-3)-[alpha-D-mannopyranose-(1-6)]beta-D-mannopyranose-(1-4)-2-acetamido-2-deoxy-beta-D-glucopyranose-(1-4)-2-acetamido-2-deoxy-beta-D-glucopyranose
4 non-polymer 2-acetamido-2-deoxy-beta-D-glucopyranose
5 non-polymer 'SULFATE ION'
6 non-polymer GLYCEROL
7 water water
#
_entity_poly.entity_id   1
_entity_poly.type   'polypeptide(L)'
_entity_poly.pdbx_seq_one_letter_code
;FSYGAAIPQSTQEKQFSQEFRDGYSILKHYGGNGPYSERVSYGIARDPPTSCEVDQVIMVKRHGERYPSPSAGKDIEEAL
AKVYSINTTEYKGDLAFLNDWTYYVPNECYYNAETTSGPYAGLLDAYNHGNDYKARYGHLWNGETVVPFFSSGYGRVIET
ARKFGEGFFGYNYSTNAALNIISESEVMGADSLTPTCDTDNDQTTCDNLTYQLPQFKVAAARLNSQNPGMNLTASDVYNL
MVMASFELNARPFSNWINAFTQDEWVSFGYVEDLNYYYCAGPGDKNMAAVGAVYANASLTLLNQGPKEAGSLFFNFAHDT
NITPILAALGVLIPNEDLPLDRVAFGNPYSIGNIVPMGGHLTIERLSCQATALSDEGTYVRLVLNEAVLPFNDCTSGPGY
SCPLANYTSILNKNLPDYTTTCNVSASYPQYLSFWWNYNTTTELNYRSSPIACQEGDAMD
;
_entity_poly.pdbx_strand_id   A,B
#
loop_
_chem_comp.id
_chem_comp.type
_chem_comp.name
_chem_comp.formula
BMA D-saccharide, beta linking beta-D-mannopyranose 'C6 H12 O6'
GOL non-polymer GLYCEROL 'C3 H8 O3'
MAN D-saccharide, alpha linking alpha-D-mannopyranose 'C6 H12 O6'
NAG D-saccharide, beta linking 2-acetamido-2-deoxy-beta-D-glucopyranose 'C8 H15 N O6'
SO4 non-polymer 'SULFATE ION' 'O4 S -2'
#
# COMPACT_ATOMS: atom_id res chain seq x y z
N LYS A 14 6.40 -12.63 19.79
CA LYS A 14 5.26 -11.67 19.54
C LYS A 14 4.38 -12.01 18.35
N GLN A 15 3.15 -11.51 18.38
CA GLN A 15 2.15 -11.83 17.38
C GLN A 15 2.32 -11.25 15.99
N PHE A 16 2.73 -9.99 15.89
CA PHE A 16 2.89 -9.33 14.60
C PHE A 16 4.21 -8.59 14.49
N SER A 17 4.78 -8.57 13.27
CA SER A 17 6.03 -7.88 13.00
C SER A 17 5.71 -6.39 12.82
N GLN A 18 6.57 -5.52 13.32
CA GLN A 18 6.34 -4.08 13.18
C GLN A 18 7.03 -3.45 11.97
N GLU A 19 7.80 -4.26 11.25
CA GLU A 19 8.52 -3.84 10.06
C GLU A 19 7.62 -4.03 8.84
N PHE A 20 7.51 -3.01 7.99
CA PHE A 20 6.67 -3.06 6.79
C PHE A 20 7.52 -2.64 5.62
N ARG A 21 8.13 -3.66 5.00
CA ARG A 21 9.05 -3.49 3.89
C ARG A 21 8.60 -3.87 2.47
N ASP A 22 7.39 -4.36 2.30
CA ASP A 22 6.92 -4.72 0.95
C ASP A 22 7.08 -3.64 -0.12
N GLY A 23 6.81 -2.40 0.29
CA GLY A 23 6.88 -1.27 -0.64
C GLY A 23 8.23 -1.03 -1.29
N TYR A 24 9.29 -1.52 -0.68
CA TYR A 24 10.62 -1.34 -1.20
C TYR A 24 10.98 -2.37 -2.28
N SER A 25 10.20 -3.45 -2.38
CA SER A 25 10.49 -4.51 -3.34
C SER A 25 10.61 -4.02 -4.80
N ILE A 26 11.71 -4.36 -5.46
CA ILE A 26 11.91 -3.94 -6.84
C ILE A 26 10.85 -4.56 -7.71
N LEU A 27 10.27 -5.69 -7.28
CA LEU A 27 9.20 -6.34 -8.04
C LEU A 27 8.01 -5.39 -8.24
N LYS A 28 7.89 -4.38 -7.39
CA LYS A 28 6.81 -3.41 -7.50
C LYS A 28 7.28 -2.11 -8.15
N HIS A 29 8.46 -2.15 -8.76
CA HIS A 29 9.05 -0.95 -9.38
C HIS A 29 9.59 -1.05 -10.80
N TYR A 30 8.99 -1.89 -11.63
CA TYR A 30 9.44 -2.05 -13.01
C TYR A 30 8.29 -2.23 -13.98
N GLY A 31 7.16 -1.58 -13.72
CA GLY A 31 6.01 -1.74 -14.59
C GLY A 31 5.67 -3.22 -14.70
N GLY A 32 5.47 -3.72 -15.91
CA GLY A 32 5.15 -5.12 -16.07
C GLY A 32 6.24 -5.96 -16.71
N ASN A 33 7.49 -5.50 -16.68
CA ASN A 33 8.60 -6.22 -17.31
C ASN A 33 9.09 -7.46 -16.61
N GLY A 34 9.05 -7.41 -15.29
CA GLY A 34 9.58 -8.50 -14.49
C GLY A 34 8.65 -9.49 -13.88
N PRO A 35 9.20 -10.36 -13.02
CA PRO A 35 8.44 -11.42 -12.35
C PRO A 35 7.10 -11.07 -11.73
N TYR A 36 6.22 -12.06 -11.74
CA TYR A 36 4.90 -11.97 -11.13
C TYR A 36 5.06 -11.71 -9.62
N SER A 37 4.08 -11.02 -9.03
CA SER A 37 4.08 -10.76 -7.61
C SER A 37 2.63 -10.65 -7.16
N GLU A 38 2.35 -11.01 -5.91
CA GLU A 38 1.01 -10.89 -5.38
C GLU A 38 0.72 -9.42 -5.22
N ARG A 39 -0.49 -9.04 -5.58
CA ARG A 39 -0.91 -7.67 -5.49
C ARG A 39 -1.02 -7.33 -4.01
N VAL A 40 -0.65 -6.10 -3.67
CA VAL A 40 -0.72 -5.64 -2.30
C VAL A 40 -2.20 -5.70 -1.87
N SER A 41 -2.45 -6.36 -0.74
CA SER A 41 -3.78 -6.56 -0.20
C SER A 41 -4.34 -5.42 0.66
N TYR A 42 -5.67 -5.24 0.63
CA TYR A 42 -6.35 -4.25 1.48
C TYR A 42 -6.62 -4.91 2.84
N GLY A 43 -6.33 -6.21 2.92
CA GLY A 43 -6.52 -6.96 4.16
C GLY A 43 -7.70 -7.92 4.14
N ILE A 44 -8.51 -7.85 3.07
CA ILE A 44 -9.70 -8.71 2.91
C ILE A 44 -9.28 -10.16 2.71
N ALA A 45 -9.90 -11.06 3.46
CA ALA A 45 -9.56 -12.49 3.37
C ALA A 45 -9.79 -12.99 1.92
N ARG A 46 -8.79 -13.70 1.40
CA ARG A 46 -8.80 -14.24 0.04
C ARG A 46 -9.80 -15.39 -0.19
N ASP A 47 -10.01 -16.22 0.82
CA ASP A 47 -10.93 -17.33 0.70
C ASP A 47 -12.37 -16.89 0.77
N PRO A 48 -13.30 -17.71 0.27
CA PRO A 48 -14.73 -17.38 0.27
C PRO A 48 -15.22 -17.13 1.69
N PRO A 49 -16.03 -16.09 1.90
CA PRO A 49 -16.52 -15.80 3.24
C PRO A 49 -17.30 -17.00 3.78
N THR A 50 -17.45 -17.08 5.11
CA THR A 50 -18.22 -18.13 5.76
C THR A 50 -19.65 -17.96 5.21
N SER A 51 -20.33 -19.09 4.93
CA SER A 51 -21.69 -19.11 4.36
C SER A 51 -21.71 -19.05 2.82
N CYS A 52 -20.53 -18.93 2.19
CA CYS A 52 -20.44 -18.85 0.74
C CYS A 52 -19.46 -19.86 0.18
N GLU A 53 -19.54 -20.03 -1.13
CA GLU A 53 -18.63 -20.89 -1.86
C GLU A 53 -18.63 -20.43 -3.29
N VAL A 54 -17.50 -20.59 -3.97
CA VAL A 54 -17.38 -20.17 -5.36
C VAL A 54 -18.05 -21.22 -6.22
N ASP A 55 -18.99 -20.81 -7.06
CA ASP A 55 -19.65 -21.75 -7.96
C ASP A 55 -19.30 -21.53 -9.44
N GLN A 56 -18.48 -20.52 -9.74
CA GLN A 56 -18.06 -20.23 -11.12
C GLN A 56 -16.84 -19.32 -11.10
N VAL A 57 -15.86 -19.62 -11.95
CA VAL A 57 -14.62 -18.87 -12.04
C VAL A 57 -14.34 -18.44 -13.47
N ILE A 58 -14.03 -17.16 -13.66
CA ILE A 58 -13.73 -16.60 -14.98
C ILE A 58 -12.44 -15.81 -14.80
N MET A 59 -11.35 -16.33 -15.34
CA MET A 59 -10.04 -15.72 -15.19
C MET A 59 -9.40 -15.36 -16.51
N VAL A 60 -8.63 -14.27 -16.52
CA VAL A 60 -7.85 -13.88 -17.69
C VAL A 60 -6.43 -13.64 -17.15
N LYS A 61 -5.49 -14.46 -17.58
CA LYS A 61 -4.10 -14.37 -17.15
C LYS A 61 -3.20 -13.96 -18.31
N ARG A 62 -2.26 -13.08 -18.01
CA ARG A 62 -1.29 -12.60 -18.97
C ARG A 62 -0.28 -13.72 -19.15
N HIS A 63 0.38 -13.77 -20.29
CA HIS A 63 1.42 -14.76 -20.52
C HIS A 63 2.42 -14.63 -19.36
N GLY A 64 3.21 -15.66 -19.13
CA GLY A 64 4.18 -15.60 -18.06
C GLY A 64 5.40 -14.79 -18.43
N GLU A 65 6.41 -14.85 -17.59
CA GLU A 65 7.66 -14.15 -17.77
C GLU A 65 8.28 -14.51 -19.12
N ARG A 66 8.75 -13.48 -19.83
CA ARG A 66 9.33 -13.67 -21.15
C ARG A 66 10.61 -12.87 -21.37
N TYR A 67 11.22 -13.10 -22.53
CA TYR A 67 12.41 -12.37 -22.96
C TYR A 67 11.90 -11.05 -23.54
N PRO A 68 12.78 -10.04 -23.66
CA PRO A 68 12.29 -8.77 -24.23
C PRO A 68 11.75 -8.97 -25.65
N SER A 69 11.09 -7.95 -26.17
CA SER A 69 10.57 -8.00 -27.53
C SER A 69 11.75 -7.69 -28.43
N PRO A 70 11.62 -7.92 -29.75
CA PRO A 70 12.73 -7.62 -30.67
C PRO A 70 13.21 -6.16 -30.62
N SER A 71 12.28 -5.20 -30.65
CA SER A 71 12.65 -3.77 -30.61
C SER A 71 13.34 -3.38 -29.28
N ALA A 72 12.78 -3.86 -28.17
CA ALA A 72 13.37 -3.60 -26.86
C ALA A 72 14.76 -4.20 -26.83
N GLY A 73 14.90 -5.38 -27.41
CA GLY A 73 16.18 -6.07 -27.44
C GLY A 73 17.22 -5.31 -28.26
N LYS A 74 16.77 -4.70 -29.34
CA LYS A 74 17.63 -3.90 -30.21
C LYS A 74 18.22 -2.76 -29.37
N ASP A 75 17.35 -2.03 -28.68
CA ASP A 75 17.75 -0.93 -27.81
C ASP A 75 18.65 -1.37 -26.65
N ILE A 76 18.32 -2.50 -26.03
CA ILE A 76 19.12 -3.04 -24.93
C ILE A 76 20.52 -3.31 -25.48
N GLU A 77 20.59 -3.93 -26.66
CA GLU A 77 21.85 -4.26 -27.29
C GLU A 77 22.69 -3.02 -27.61
N GLU A 78 22.05 -1.96 -28.10
CA GLU A 78 22.78 -0.73 -28.38
C GLU A 78 23.38 -0.11 -27.11
N ALA A 79 22.60 -0.14 -26.02
CA ALA A 79 23.07 0.38 -24.73
C ALA A 79 24.23 -0.46 -24.21
N LEU A 80 24.13 -1.78 -24.39
CA LEU A 80 25.18 -2.67 -23.94
C LEU A 80 26.47 -2.50 -24.75
N ALA A 81 26.33 -2.04 -25.98
CA ALA A 81 27.46 -1.82 -26.88
C ALA A 81 28.27 -0.65 -26.30
N LYS A 82 27.58 0.40 -25.87
CA LYS A 82 28.25 1.55 -25.24
C LYS A 82 28.91 1.12 -23.94
N VAL A 83 28.24 0.25 -23.17
CA VAL A 83 28.80 -0.25 -21.90
C VAL A 83 30.09 -1.00 -22.20
N TYR A 84 30.01 -1.85 -23.22
CA TYR A 84 31.12 -2.70 -23.61
C TYR A 84 32.26 -2.07 -24.41
N SER A 85 32.14 -0.80 -24.73
CA SER A 85 33.20 -0.13 -25.48
C SER A 85 34.45 0.24 -24.66
N ILE A 86 34.70 -0.45 -23.54
CA ILE A 86 35.85 -0.18 -22.69
C ILE A 86 36.32 -1.47 -21.99
N THR A 89 39.41 -3.24 -20.65
CA THR A 89 39.96 -3.32 -19.31
C THR A 89 38.89 -3.71 -18.29
N GLU A 90 39.33 -4.36 -17.21
CA GLU A 90 38.50 -4.81 -16.10
C GLU A 90 37.57 -3.71 -15.52
N TYR A 91 36.28 -4.02 -15.42
CA TYR A 91 35.25 -3.12 -14.91
C TYR A 91 35.38 -2.84 -13.42
N LYS A 92 35.03 -1.63 -13.04
CA LYS A 92 35.12 -1.15 -11.67
C LYS A 92 33.76 -0.85 -11.05
N GLY A 93 33.77 -0.60 -9.74
CA GLY A 93 32.56 -0.24 -9.02
C GLY A 93 31.41 -1.21 -9.10
N ASP A 94 30.21 -0.67 -9.23
CA ASP A 94 28.99 -1.47 -9.32
C ASP A 94 28.91 -2.35 -10.56
N LEU A 95 29.73 -2.05 -11.57
CA LEU A 95 29.74 -2.85 -12.80
C LEU A 95 30.84 -3.90 -12.79
N ALA A 96 31.46 -4.11 -11.64
CA ALA A 96 32.52 -5.09 -11.54
C ALA A 96 32.05 -6.49 -11.93
N PHE A 97 30.78 -6.80 -11.66
CA PHE A 97 30.23 -8.12 -12.03
C PHE A 97 30.28 -8.36 -13.53
N LEU A 98 30.40 -7.29 -14.31
CA LEU A 98 30.46 -7.38 -15.77
C LEU A 98 31.68 -8.16 -16.24
N ASN A 99 32.69 -8.29 -15.39
CA ASN A 99 33.90 -9.03 -15.75
C ASN A 99 33.60 -10.51 -15.87
N ASP A 100 32.50 -10.95 -15.26
CA ASP A 100 32.06 -12.33 -15.34
C ASP A 100 30.53 -12.34 -15.52
N TRP A 101 30.05 -11.80 -16.65
CA TRP A 101 28.61 -11.71 -16.91
C TRP A 101 28.31 -11.86 -18.39
N THR A 102 27.24 -12.55 -18.71
CA THR A 102 26.84 -12.74 -20.10
C THR A 102 25.37 -12.37 -20.24
N TYR A 103 25.02 -11.67 -21.32
CA TYR A 103 23.65 -11.29 -21.58
C TYR A 103 22.82 -12.58 -21.51
N TYR A 104 21.60 -12.46 -21.01
CA TYR A 104 20.72 -13.62 -20.84
C TYR A 104 19.86 -14.09 -22.03
N VAL A 105 19.83 -13.33 -23.12
CA VAL A 105 19.04 -13.75 -24.28
C VAL A 105 19.96 -14.67 -25.10
N PRO A 106 19.63 -16.00 -25.19
CA PRO A 106 20.45 -16.98 -25.93
C PRO A 106 20.85 -16.48 -27.33
N ASN A 107 19.88 -16.02 -28.09
CA ASN A 107 20.12 -15.47 -29.40
C ASN A 107 18.88 -14.67 -29.72
N GLU A 108 18.97 -13.83 -30.74
CA GLU A 108 17.86 -12.97 -31.08
C GLU A 108 16.53 -13.64 -31.37
N CYS A 109 16.57 -14.92 -31.74
CA CYS A 109 15.34 -15.63 -32.04
C CYS A 109 14.48 -15.90 -30.80
N TYR A 110 15.08 -15.72 -29.62
CA TYR A 110 14.39 -15.93 -28.35
C TYR A 110 13.56 -14.73 -27.91
N TYR A 111 13.82 -13.57 -28.50
CA TYR A 111 13.04 -12.41 -28.16
C TYR A 111 11.59 -12.76 -28.39
N ASN A 112 10.73 -12.33 -27.46
CA ASN A 112 9.28 -12.57 -27.48
C ASN A 112 8.84 -13.85 -26.79
N ALA A 113 9.76 -14.79 -26.59
CA ALA A 113 9.45 -16.07 -25.99
C ALA A 113 9.36 -16.12 -24.49
N GLU A 114 8.65 -17.14 -24.00
CA GLU A 114 8.52 -17.39 -22.57
C GLU A 114 9.88 -17.89 -22.10
N THR A 115 10.26 -17.50 -20.90
CA THR A 115 11.52 -17.96 -20.33
C THR A 115 11.31 -19.37 -19.77
N THR A 116 12.40 -20.12 -19.66
CA THR A 116 12.33 -21.49 -19.20
C THR A 116 13.52 -21.82 -18.30
N SER A 117 13.95 -20.86 -17.50
CA SER A 117 15.06 -21.07 -16.56
C SER A 117 14.86 -20.18 -15.33
N GLY A 118 15.35 -20.63 -14.18
CA GLY A 118 15.25 -19.84 -12.97
C GLY A 118 13.95 -19.96 -12.22
N PRO A 119 13.89 -19.43 -11.00
CA PRO A 119 12.68 -19.49 -10.17
C PRO A 119 11.51 -18.69 -10.73
N TYR A 120 11.80 -17.74 -11.62
CA TYR A 120 10.78 -16.89 -12.21
C TYR A 120 10.43 -17.27 -13.65
N ALA A 121 10.90 -18.41 -14.12
CA ALA A 121 10.63 -18.85 -15.49
C ALA A 121 9.15 -18.68 -15.76
N GLY A 122 8.81 -18.18 -16.95
CA GLY A 122 7.43 -17.97 -17.33
C GLY A 122 6.57 -19.22 -17.41
N LEU A 123 7.15 -20.31 -17.91
CA LEU A 123 6.40 -21.58 -18.01
C LEU A 123 6.20 -22.20 -16.63
N LEU A 124 7.17 -22.03 -15.73
CA LEU A 124 7.06 -22.49 -14.36
C LEU A 124 5.93 -21.69 -13.67
N ASP A 125 5.87 -20.40 -13.95
CA ASP A 125 4.82 -19.50 -13.45
C ASP A 125 3.46 -20.11 -13.77
N ALA A 126 3.21 -20.36 -15.06
CA ALA A 126 1.95 -20.91 -15.54
C ALA A 126 1.60 -22.26 -14.90
N TYR A 127 2.58 -23.16 -14.86
CA TYR A 127 2.38 -24.47 -14.28
C TYR A 127 2.04 -24.39 -12.80
N ASN A 128 2.78 -23.56 -12.07
CA ASN A 128 2.59 -23.35 -10.65
C ASN A 128 1.20 -22.77 -10.38
N HIS A 129 0.80 -21.79 -11.18
CA HIS A 129 -0.50 -21.15 -11.05
C HIS A 129 -1.64 -22.19 -11.28
N GLY A 130 -1.41 -23.11 -12.22
CA GLY A 130 -2.40 -24.13 -12.52
C GLY A 130 -2.59 -25.12 -11.39
N ASN A 131 -1.48 -25.57 -10.81
CA ASN A 131 -1.47 -26.51 -9.69
C ASN A 131 -2.20 -25.87 -8.48
N ASP A 132 -1.93 -24.59 -8.32
CA ASP A 132 -2.51 -23.78 -7.28
C ASP A 132 -4.04 -23.70 -7.44
N TYR A 133 -4.49 -23.30 -8.63
CA TYR A 133 -5.90 -23.19 -8.88
C TYR A 133 -6.61 -24.54 -8.82
N LYS A 134 -5.87 -25.63 -9.02
CA LYS A 134 -6.47 -26.95 -8.93
C LYS A 134 -6.98 -27.18 -7.49
N ALA A 135 -6.15 -26.85 -6.50
CA ALA A 135 -6.51 -27.01 -5.11
C ALA A 135 -7.63 -26.05 -4.75
N ARG A 136 -7.54 -24.83 -5.25
CA ARG A 136 -8.56 -23.85 -4.93
C ARG A 136 -9.91 -24.03 -5.60
N TYR A 137 -9.91 -24.48 -6.85
CA TYR A 137 -11.15 -24.64 -7.61
C TYR A 137 -11.44 -26.04 -8.15
N GLY A 138 -10.66 -27.04 -7.71
CA GLY A 138 -10.84 -28.40 -8.18
C GLY A 138 -12.27 -28.91 -8.02
N HIS A 139 -12.91 -28.46 -6.94
CA HIS A 139 -14.30 -28.83 -6.66
C HIS A 139 -15.27 -28.42 -7.78
N LEU A 140 -14.83 -27.55 -8.68
CA LEU A 140 -15.66 -27.08 -9.79
C LEU A 140 -15.52 -27.94 -11.06
N TRP A 141 -14.77 -29.03 -10.98
CA TRP A 141 -14.58 -29.96 -12.10
C TRP A 141 -14.84 -31.36 -11.52
N ASN A 142 -15.76 -32.09 -12.13
CA ASN A 142 -16.12 -33.44 -11.66
C ASN A 142 -15.17 -34.54 -12.10
N GLY A 143 -14.06 -34.19 -12.74
CA GLY A 143 -13.10 -35.20 -13.17
C GLY A 143 -13.48 -36.00 -14.41
N GLU A 144 -14.69 -35.77 -14.93
CA GLU A 144 -15.21 -36.48 -16.10
C GLU A 144 -15.35 -35.58 -17.33
N THR A 145 -15.87 -34.37 -17.13
CA THR A 145 -16.08 -33.38 -18.19
C THR A 145 -14.82 -32.94 -18.92
N VAL A 146 -14.98 -32.54 -20.18
CA VAL A 146 -13.88 -32.00 -20.99
C VAL A 146 -14.07 -30.47 -20.88
N VAL A 147 -13.10 -29.78 -20.30
CA VAL A 147 -13.21 -28.33 -20.12
C VAL A 147 -12.42 -27.56 -21.19
N PRO A 148 -13.09 -26.67 -21.95
CA PRO A 148 -12.30 -25.94 -22.95
C PRO A 148 -11.59 -24.79 -22.24
N PHE A 149 -10.42 -24.41 -22.71
CA PHE A 149 -9.74 -23.24 -22.14
C PHE A 149 -9.31 -22.40 -23.34
N PHE A 150 -9.22 -21.10 -23.14
CA PHE A 150 -8.94 -20.19 -24.24
C PHE A 150 -7.67 -19.37 -24.19
N SER A 151 -7.01 -19.23 -25.34
CA SER A 151 -5.78 -18.45 -25.45
C SER A 151 -5.85 -17.59 -26.69
N SER A 152 -5.33 -16.36 -26.63
CA SER A 152 -5.32 -15.52 -27.82
C SER A 152 -4.20 -16.12 -28.70
N GLY A 153 -4.26 -15.87 -30.01
CA GLY A 153 -3.27 -16.41 -30.91
C GLY A 153 -1.91 -15.73 -30.91
N TYR A 154 -1.11 -16.03 -29.90
CA TYR A 154 0.22 -15.45 -29.80
C TYR A 154 1.06 -16.47 -29.05
N GLY A 155 2.23 -16.77 -29.61
CA GLY A 155 3.12 -17.76 -29.04
C GLY A 155 3.24 -17.88 -27.52
N ARG A 156 3.81 -16.85 -26.91
CA ARG A 156 4.03 -16.87 -25.48
C ARG A 156 2.74 -17.00 -24.69
N VAL A 157 1.63 -16.52 -25.24
CA VAL A 157 0.35 -16.65 -24.57
C VAL A 157 -0.14 -18.11 -24.63
N ILE A 158 -0.01 -18.72 -25.80
CA ILE A 158 -0.39 -20.11 -26.01
C ILE A 158 0.44 -21.00 -25.11
N GLU A 159 1.74 -20.75 -25.04
CA GLU A 159 2.61 -21.57 -24.19
C GLU A 159 2.26 -21.47 -22.71
N THR A 160 1.78 -20.29 -22.30
CA THR A 160 1.38 -20.05 -20.93
C THR A 160 0.11 -20.83 -20.64
N ALA A 161 -0.84 -20.74 -21.58
CA ALA A 161 -2.13 -21.42 -21.48
C ALA A 161 -1.89 -22.92 -21.33
N ARG A 162 -1.04 -23.47 -22.19
CA ARG A 162 -0.72 -24.87 -22.16
C ARG A 162 -0.18 -25.33 -20.82
N LYS A 163 0.80 -24.63 -20.27
CA LYS A 163 1.36 -25.03 -18.97
C LYS A 163 0.41 -24.82 -17.79
N PHE A 164 -0.48 -23.85 -17.89
CA PHE A 164 -1.46 -23.62 -16.83
C PHE A 164 -2.45 -24.81 -16.86
N GLY A 165 -3.00 -25.07 -18.05
CA GLY A 165 -3.95 -26.14 -18.26
C GLY A 165 -3.36 -27.45 -17.80
N GLU A 166 -2.07 -27.66 -18.03
CA GLU A 166 -1.40 -28.89 -17.61
C GLU A 166 -1.26 -28.96 -16.09
N GLY A 167 -1.11 -27.80 -15.46
CA GLY A 167 -1.00 -27.74 -14.02
C GLY A 167 -2.33 -28.06 -13.38
N PHE A 168 -3.40 -27.49 -13.93
CA PHE A 168 -4.75 -27.71 -13.41
C PHE A 168 -5.29 -29.12 -13.64
N PHE A 169 -5.29 -29.56 -14.90
CA PHE A 169 -5.83 -30.88 -15.23
C PHE A 169 -4.88 -32.04 -14.99
N GLY A 170 -3.60 -31.75 -14.79
CA GLY A 170 -2.61 -32.76 -14.48
C GLY A 170 -2.68 -34.04 -15.29
N TYR A 171 -2.85 -35.17 -14.61
CA TYR A 171 -2.94 -36.48 -15.28
C TYR A 171 -3.98 -36.57 -16.41
N ASN A 172 -4.96 -35.69 -16.38
CA ASN A 172 -6.04 -35.70 -17.36
C ASN A 172 -5.98 -34.54 -18.35
N TYR A 173 -4.82 -33.90 -18.46
CA TYR A 173 -4.65 -32.77 -19.37
C TYR A 173 -4.87 -33.16 -20.84
N SER A 174 -4.29 -34.29 -21.25
CA SER A 174 -4.42 -34.79 -22.63
C SER A 174 -5.82 -35.08 -23.13
N THR A 175 -6.68 -35.50 -22.20
CA THR A 175 -8.04 -35.88 -22.54
C THR A 175 -9.14 -34.96 -22.09
N ASN A 176 -8.98 -34.31 -20.93
CA ASN A 176 -10.05 -33.48 -20.41
C ASN A 176 -9.96 -31.97 -20.42
N ALA A 177 -8.93 -31.45 -21.08
CA ALA A 177 -8.76 -30.01 -21.25
C ALA A 177 -8.71 -29.84 -22.76
N ALA A 178 -9.35 -28.80 -23.29
CA ALA A 178 -9.37 -28.58 -24.73
C ALA A 178 -8.98 -27.15 -25.07
N LEU A 179 -7.72 -26.97 -25.47
CA LEU A 179 -7.23 -25.65 -25.85
C LEU A 179 -7.87 -25.13 -27.13
N ASN A 180 -8.53 -23.97 -27.02
CA ASN A 180 -9.15 -23.28 -28.14
C ASN A 180 -8.29 -22.00 -28.30
N ILE A 181 -7.69 -21.78 -29.47
CA ILE A 181 -6.86 -20.59 -29.72
C ILE A 181 -7.65 -19.58 -30.55
N ILE A 182 -7.81 -18.36 -30.02
CA ILE A 182 -8.59 -17.30 -30.66
C ILE A 182 -7.66 -16.31 -31.33
N SER A 183 -7.80 -16.19 -32.64
CA SER A 183 -7.01 -15.29 -33.48
C SER A 183 -7.02 -13.87 -32.98
N GLU A 184 -5.87 -13.19 -33.06
CA GLU A 184 -5.74 -11.80 -32.61
C GLU A 184 -6.10 -10.83 -33.74
N SER A 185 -6.42 -11.38 -34.90
CA SER A 185 -6.78 -10.58 -36.05
C SER A 185 -8.05 -9.78 -35.81
N GLU A 186 -8.08 -8.54 -36.30
CA GLU A 186 -9.24 -7.66 -36.13
C GLU A 186 -10.52 -8.22 -36.74
N VAL A 187 -10.32 -9.11 -37.71
CA VAL A 187 -11.41 -9.76 -38.41
C VAL A 187 -12.37 -10.48 -37.44
N MET A 188 -11.86 -10.80 -36.25
CA MET A 188 -12.63 -11.45 -35.22
C MET A 188 -13.61 -10.50 -34.54
N GLY A 189 -13.42 -9.20 -34.75
CA GLY A 189 -14.31 -8.22 -34.14
C GLY A 189 -14.40 -8.39 -32.63
N ALA A 190 -15.61 -8.50 -32.09
CA ALA A 190 -15.80 -8.66 -30.66
C ALA A 190 -15.63 -10.11 -30.18
N ASP A 191 -15.53 -11.05 -31.11
CA ASP A 191 -15.36 -12.47 -30.77
C ASP A 191 -13.85 -12.64 -30.65
N SER A 192 -13.28 -11.96 -29.64
CA SER A 192 -11.85 -11.92 -29.45
C SER A 192 -11.41 -11.71 -28.00
N LEU A 193 -10.20 -12.16 -27.70
CA LEU A 193 -9.61 -11.95 -26.38
C LEU A 193 -8.72 -10.70 -26.46
N THR A 194 -8.51 -10.21 -27.68
CA THR A 194 -7.68 -9.06 -27.94
C THR A 194 -8.38 -8.12 -28.93
N PRO A 195 -9.54 -7.54 -28.56
CA PRO A 195 -10.25 -6.64 -29.48
C PRO A 195 -9.42 -5.48 -30.08
N THR A 196 -9.68 -5.15 -31.34
CA THR A 196 -9.00 -4.07 -32.07
C THR A 196 -9.83 -2.79 -31.98
N CYS A 197 -9.14 -1.64 -31.97
CA CYS A 197 -9.80 -0.35 -31.92
C CYS A 197 -8.95 0.64 -32.72
N ASP A 198 -9.52 1.27 -33.75
CA ASP A 198 -8.75 2.24 -34.55
C ASP A 198 -9.54 3.55 -34.68
N THR A 199 -8.97 4.65 -34.15
CA THR A 199 -9.63 5.97 -34.14
C THR A 199 -11.15 5.86 -33.86
N THR A 204 -2.15 9.44 -28.52
CA THR A 204 -1.60 10.80 -28.65
C THR A 204 -0.56 11.12 -27.56
N THR A 205 -0.97 11.17 -26.29
CA THR A 205 -0.03 11.41 -25.19
C THR A 205 0.91 10.21 -25.13
N CYS A 206 0.34 9.04 -25.40
CA CYS A 206 1.07 7.78 -25.44
C CYS A 206 2.21 7.83 -26.42
N ASP A 207 1.97 8.41 -27.59
CA ASP A 207 2.99 8.50 -28.63
C ASP A 207 4.10 9.46 -28.26
N ASN A 208 3.77 10.43 -27.40
CA ASN A 208 4.73 11.44 -26.99
C ASN A 208 5.48 11.20 -25.68
N LEU A 209 5.31 10.03 -25.08
CA LEU A 209 6.00 9.74 -23.83
C LEU A 209 7.51 9.78 -24.06
N THR A 210 8.23 10.38 -23.12
CA THR A 210 9.67 10.49 -23.23
C THR A 210 10.41 9.33 -22.58
N TYR A 211 9.78 8.65 -21.62
CA TYR A 211 10.41 7.55 -20.89
C TYR A 211 11.61 8.08 -20.13
N GLN A 212 11.50 9.31 -19.66
CA GLN A 212 12.58 9.95 -18.91
C GLN A 212 12.05 10.68 -17.68
N LEU A 213 12.85 10.63 -16.62
CA LEU A 213 12.59 11.30 -15.35
C LEU A 213 14.00 11.66 -14.84
N PRO A 214 14.13 12.79 -14.13
CA PRO A 214 15.43 13.25 -13.59
C PRO A 214 16.34 12.21 -12.95
N GLN A 215 15.79 11.24 -12.22
CA GLN A 215 16.65 10.25 -11.58
C GLN A 215 17.56 9.51 -12.56
N PHE A 216 17.15 9.41 -13.83
CA PHE A 216 17.97 8.72 -14.83
C PHE A 216 19.28 9.49 -15.10
N LYS A 217 19.25 10.81 -14.89
CA LYS A 217 20.44 11.63 -15.06
C LYS A 217 21.43 11.30 -13.95
N VAL A 218 20.93 11.07 -12.73
CA VAL A 218 21.81 10.73 -11.60
C VAL A 218 22.51 9.40 -11.86
N ALA A 219 21.77 8.43 -12.38
CA ALA A 219 22.33 7.10 -12.68
C ALA A 219 23.40 7.20 -13.77
N ALA A 220 23.08 7.90 -14.86
CA ALA A 220 24.01 8.09 -15.98
C ALA A 220 25.32 8.71 -15.48
N ALA A 221 25.18 9.76 -14.68
CA ALA A 221 26.35 10.43 -14.11
C ALA A 221 27.15 9.48 -13.22
N ARG A 222 26.47 8.72 -12.37
CA ARG A 222 27.18 7.80 -11.49
C ARG A 222 27.85 6.65 -12.23
N LEU A 223 27.18 6.09 -13.25
CA LEU A 223 27.76 4.99 -13.98
C LEU A 223 28.99 5.43 -14.77
N ASN A 224 28.87 6.57 -15.45
CA ASN A 224 29.98 7.12 -16.24
C ASN A 224 31.19 7.43 -15.37
N SER A 225 30.94 7.94 -14.17
CA SER A 225 32.00 8.27 -13.26
C SER A 225 32.77 7.04 -12.76
N GLN A 226 32.07 5.92 -12.56
CA GLN A 226 32.74 4.71 -12.06
C GLN A 226 33.54 3.95 -13.12
N ASN A 227 33.09 4.04 -14.38
CA ASN A 227 33.76 3.37 -15.51
C ASN A 227 33.66 4.35 -16.67
N PRO A 228 34.61 5.30 -16.74
CA PRO A 228 34.65 6.32 -17.79
C PRO A 228 34.85 5.72 -19.18
N GLY A 229 34.25 6.36 -20.18
CA GLY A 229 34.37 5.90 -21.54
C GLY A 229 33.13 5.32 -22.21
N MET A 230 32.07 5.08 -21.44
CA MET A 230 30.86 4.49 -22.00
C MET A 230 29.94 5.54 -22.61
N ASN A 231 30.06 6.78 -22.13
CA ASN A 231 29.21 7.89 -22.58
C ASN A 231 27.72 7.50 -22.51
N LEU A 232 27.31 6.91 -21.39
CA LEU A 232 25.93 6.50 -21.20
C LEU A 232 25.04 7.74 -20.97
N THR A 233 23.88 7.76 -21.61
CA THR A 233 22.97 8.85 -21.47
C THR A 233 21.79 8.39 -20.57
N ALA A 234 20.89 9.32 -20.28
CA ALA A 234 19.74 9.00 -19.46
C ALA A 234 18.88 7.97 -20.23
N SER A 235 19.01 7.99 -21.55
CA SER A 235 18.29 7.07 -22.41
C SER A 235 18.88 5.66 -22.33
N ASP A 236 20.19 5.57 -22.24
CA ASP A 236 20.84 4.27 -22.10
C ASP A 236 20.46 3.69 -20.77
N VAL A 237 20.39 4.54 -19.75
CA VAL A 237 20.02 4.12 -18.40
C VAL A 237 18.63 3.47 -18.43
N TYR A 238 17.68 4.12 -19.08
CA TYR A 238 16.33 3.58 -19.21
C TYR A 238 16.37 2.16 -19.80
N ASN A 239 17.13 1.97 -20.86
CA ASN A 239 17.22 0.66 -21.52
C ASN A 239 17.98 -0.37 -20.73
N LEU A 240 18.93 0.08 -19.93
CA LEU A 240 19.71 -0.81 -19.11
C LEU A 240 18.85 -1.26 -17.93
N MET A 241 17.87 -0.44 -17.53
CA MET A 241 16.96 -0.80 -16.44
C MET A 241 15.87 -1.75 -17.00
N VAL A 242 15.47 -1.53 -18.26
CA VAL A 242 14.52 -2.41 -18.92
C VAL A 242 15.22 -3.78 -18.95
N MET A 243 16.49 -3.77 -19.32
CA MET A 243 17.26 -5.00 -19.37
C MET A 243 17.36 -5.70 -18.02
N ALA A 244 17.68 -4.93 -16.98
CA ALA A 244 17.83 -5.48 -15.64
C ALA A 244 16.52 -6.06 -15.12
N SER A 245 15.40 -5.39 -15.38
CA SER A 245 14.10 -5.89 -14.95
C SER A 245 13.72 -7.23 -15.65
N PHE A 246 14.10 -7.38 -16.93
CA PHE A 246 13.82 -8.61 -17.67
C PHE A 246 14.76 -9.75 -17.29
N GLU A 247 15.89 -9.41 -16.69
CA GLU A 247 16.85 -10.45 -16.34
C GLU A 247 16.29 -11.47 -15.34
N LEU A 248 15.50 -11.00 -14.39
CA LEU A 248 14.90 -11.90 -13.39
C LEU A 248 14.03 -12.99 -14.06
N ASN A 249 13.39 -12.63 -15.18
CA ASN A 249 12.56 -13.57 -15.92
C ASN A 249 13.34 -14.82 -16.38
N ALA A 250 14.67 -14.75 -16.38
CA ALA A 250 15.50 -15.87 -16.83
C ALA A 250 16.49 -16.35 -15.78
N ARG A 251 16.76 -15.52 -14.79
CA ARG A 251 17.72 -15.85 -13.73
C ARG A 251 17.16 -15.48 -12.36
N PRO A 252 17.62 -16.18 -11.31
CA PRO A 252 17.19 -15.96 -9.92
C PRO A 252 17.58 -14.61 -9.32
N PHE A 253 18.74 -14.08 -9.73
CA PHE A 253 19.24 -12.79 -9.22
C PHE A 253 19.76 -11.93 -10.40
N SER A 254 19.69 -10.61 -10.27
CA SER A 254 20.20 -9.72 -11.29
C SER A 254 21.10 -8.69 -10.66
N ASN A 255 22.40 -8.74 -10.95
CA ASN A 255 23.34 -7.76 -10.39
C ASN A 255 23.13 -6.39 -11.00
N TRP A 256 22.60 -6.35 -12.21
CA TRP A 256 22.32 -5.09 -12.86
C TRP A 256 21.31 -4.27 -12.05
N ILE A 257 20.38 -4.96 -11.37
CA ILE A 257 19.35 -4.29 -10.55
C ILE A 257 20.05 -3.49 -9.46
N ASN A 258 21.14 -4.06 -8.93
CA ASN A 258 21.93 -3.45 -7.88
C ASN A 258 22.80 -2.26 -8.33
N ALA A 259 22.96 -2.06 -9.64
CA ALA A 259 23.76 -0.94 -10.16
C ALA A 259 22.97 0.38 -10.13
N PHE A 260 21.67 0.28 -9.88
CA PHE A 260 20.82 1.46 -9.82
C PHE A 260 20.34 1.61 -8.39
N THR A 261 19.94 2.81 -8.00
CA THR A 261 19.50 3.05 -6.65
C THR A 261 18.00 2.78 -6.50
N GLN A 262 17.57 2.72 -5.26
CA GLN A 262 16.19 2.51 -4.92
C GLN A 262 15.37 3.65 -5.54
N ASP A 263 15.87 4.87 -5.48
CA ASP A 263 15.16 6.02 -6.03
C ASP A 263 15.07 6.02 -7.56
N GLU A 264 16.04 5.40 -8.21
CA GLU A 264 16.05 5.30 -9.66
C GLU A 264 14.97 4.27 -10.07
N TRP A 265 14.93 3.15 -9.37
CA TRP A 265 13.92 2.12 -9.60
C TRP A 265 12.52 2.71 -9.40
N VAL A 266 12.33 3.55 -8.37
CA VAL A 266 11.03 4.18 -8.12
C VAL A 266 10.60 5.00 -9.35
N SER A 267 11.54 5.70 -9.96
CA SER A 267 11.26 6.51 -11.15
C SER A 267 11.00 5.63 -12.37
N PHE A 268 11.81 4.58 -12.54
CA PHE A 268 11.62 3.64 -13.64
C PHE A 268 10.20 3.03 -13.60
N GLY A 269 9.82 2.44 -12.47
CA GLY A 269 8.50 1.85 -12.37
C GLY A 269 7.42 2.85 -12.77
N TYR A 270 7.59 4.11 -12.38
CA TYR A 270 6.59 5.12 -12.72
C TYR A 270 6.57 5.43 -14.22
N VAL A 271 7.74 5.42 -14.84
CA VAL A 271 7.85 5.65 -16.28
C VAL A 271 7.04 4.53 -16.99
N GLU A 272 7.16 3.30 -16.49
CA GLU A 272 6.41 2.19 -17.07
C GLU A 272 4.92 2.30 -16.76
N ASP A 273 4.57 2.85 -15.60
CA ASP A 273 3.17 3.04 -15.25
C ASP A 273 2.51 3.99 -16.25
N LEU A 274 3.24 5.03 -16.65
CA LEU A 274 2.75 6.04 -17.58
C LEU A 274 2.41 5.41 -18.94
N ASN A 275 3.26 4.49 -19.38
CA ASN A 275 3.04 3.82 -20.64
C ASN A 275 1.69 3.08 -20.61
N TYR A 276 1.46 2.26 -19.60
CA TYR A 276 0.21 1.55 -19.51
C TYR A 276 -0.95 2.50 -19.40
N TYR A 277 -0.82 3.48 -18.53
CA TYR A 277 -1.88 4.42 -18.30
C TYR A 277 -2.37 5.11 -19.56
N TYR A 278 -1.44 5.55 -20.38
CA TYR A 278 -1.78 6.27 -21.61
C TYR A 278 -1.94 5.45 -22.88
N CYS A 279 -1.25 4.32 -22.96
CA CYS A 279 -1.32 3.49 -24.14
C CYS A 279 -2.35 2.37 -24.04
N ALA A 280 -2.66 1.92 -22.81
CA ALA A 280 -3.59 0.80 -22.63
C ALA A 280 -4.45 0.96 -21.37
N GLY A 281 -4.63 2.19 -20.92
CA GLY A 281 -5.39 2.41 -19.71
C GLY A 281 -6.31 3.60 -19.76
N PRO A 282 -6.79 4.08 -18.59
CA PRO A 282 -7.72 5.22 -18.50
C PRO A 282 -7.22 6.51 -19.16
N GLY A 283 -5.93 6.58 -19.46
CA GLY A 283 -5.40 7.77 -20.10
C GLY A 283 -5.89 7.88 -21.55
N ASP A 284 -6.36 6.76 -22.08
CA ASP A 284 -6.89 6.67 -23.44
C ASP A 284 -8.35 6.32 -23.21
N LYS A 285 -9.23 7.23 -23.60
CA LYS A 285 -10.67 7.07 -23.40
C LYS A 285 -11.36 5.94 -24.16
N ASN A 286 -10.68 5.37 -25.15
CA ASN A 286 -11.25 4.26 -25.91
C ASN A 286 -11.00 2.90 -25.28
N MET A 287 -10.13 2.86 -24.27
CA MET A 287 -9.79 1.61 -23.63
C MET A 287 -10.95 0.94 -22.88
N ALA A 288 -11.83 1.74 -22.28
CA ALA A 288 -12.99 1.21 -21.57
C ALA A 288 -13.90 0.44 -22.55
N ALA A 289 -14.08 0.98 -23.76
CA ALA A 289 -14.91 0.34 -24.80
C ALA A 289 -14.30 -0.99 -25.25
N VAL A 290 -12.98 -1.05 -25.35
CA VAL A 290 -12.30 -2.28 -25.73
C VAL A 290 -12.49 -3.32 -24.63
N GLY A 291 -12.38 -2.89 -23.38
CA GLY A 291 -12.53 -3.79 -22.24
C GLY A 291 -13.96 -4.20 -21.95
N ALA A 292 -14.91 -3.46 -22.50
CA ALA A 292 -16.33 -3.77 -22.31
C ALA A 292 -16.70 -5.09 -22.95
N VAL A 293 -15.95 -5.52 -23.97
CA VAL A 293 -16.24 -6.79 -24.64
C VAL A 293 -16.20 -7.93 -23.60
N TYR A 294 -15.07 -8.06 -22.92
CA TYR A 294 -14.86 -9.08 -21.90
C TYR A 294 -15.75 -8.84 -20.70
N ALA A 295 -15.81 -7.59 -20.24
CA ALA A 295 -16.61 -7.26 -19.08
C ALA A 295 -18.07 -7.67 -19.26
N ASN A 296 -18.63 -7.36 -20.42
CA ASN A 296 -20.02 -7.67 -20.72
C ASN A 296 -20.29 -9.14 -20.98
N ALA A 297 -19.40 -9.78 -21.74
CA ALA A 297 -19.54 -11.20 -22.06
C ALA A 297 -19.45 -12.03 -20.79
N SER A 298 -18.50 -11.70 -19.91
CA SER A 298 -18.34 -12.42 -18.65
C SER A 298 -19.57 -12.19 -17.74
N LEU A 299 -20.17 -11.00 -17.80
CA LEU A 299 -21.35 -10.69 -17.02
C LEU A 299 -22.44 -11.67 -17.44
N THR A 300 -22.50 -11.95 -18.75
CA THR A 300 -23.48 -12.88 -19.32
C THR A 300 -23.33 -14.27 -18.74
N LEU A 301 -22.09 -14.74 -18.64
CA LEU A 301 -21.77 -16.03 -18.06
C LEU A 301 -22.20 -16.08 -16.61
N LEU A 302 -21.98 -14.99 -15.87
CA LEU A 302 -22.33 -14.92 -14.45
C LEU A 302 -23.83 -15.00 -14.26
N ASN A 303 -24.57 -14.27 -15.10
CA ASN A 303 -26.02 -14.29 -15.03
C ASN A 303 -26.65 -15.62 -15.47
N GLN A 304 -26.03 -16.28 -16.44
CA GLN A 304 -26.52 -17.58 -16.89
C GLN A 304 -26.25 -18.60 -15.79
N GLY A 305 -25.08 -18.49 -15.16
CA GLY A 305 -24.76 -19.41 -14.08
C GLY A 305 -23.92 -20.58 -14.51
N PRO A 306 -23.29 -21.27 -13.55
CA PRO A 306 -22.44 -22.44 -13.79
C PRO A 306 -23.13 -23.65 -14.39
N LYS A 307 -24.33 -23.94 -13.91
CA LYS A 307 -25.06 -25.11 -14.39
C LYS A 307 -25.32 -24.98 -15.89
N GLU A 308 -25.71 -23.80 -16.34
CA GLU A 308 -25.99 -23.56 -17.74
C GLU A 308 -24.77 -23.30 -18.64
N ALA A 309 -23.93 -22.37 -18.24
CA ALA A 309 -22.77 -22.00 -19.03
C ALA A 309 -21.46 -22.73 -18.78
N GLY A 310 -21.29 -23.32 -17.60
CA GLY A 310 -20.03 -23.97 -17.29
C GLY A 310 -19.47 -23.25 -16.08
N SER A 311 -18.67 -23.94 -15.27
CA SER A 311 -18.13 -23.36 -14.07
C SER A 311 -16.69 -22.82 -14.14
N LEU A 312 -15.92 -23.22 -15.15
CA LEU A 312 -14.52 -22.81 -15.26
C LEU A 312 -14.12 -22.18 -16.57
N PHE A 313 -13.72 -20.92 -16.54
CA PHE A 313 -13.29 -20.25 -17.76
C PHE A 313 -11.89 -19.69 -17.61
N PHE A 314 -10.91 -20.45 -18.10
CA PHE A 314 -9.52 -20.03 -18.03
C PHE A 314 -9.10 -19.42 -19.35
N ASN A 315 -8.84 -18.11 -19.34
CA ASN A 315 -8.45 -17.32 -20.53
C ASN A 315 -7.03 -16.79 -20.40
N PHE A 316 -6.34 -16.69 -21.53
CA PHE A 316 -4.96 -16.21 -21.52
C PHE A 316 -4.80 -15.19 -22.64
N ALA A 317 -4.19 -14.05 -22.30
CA ALA A 317 -3.96 -12.97 -23.24
C ALA A 317 -2.77 -12.11 -22.82
N HIS A 318 -2.82 -10.81 -23.09
CA HIS A 318 -1.71 -9.91 -22.75
C HIS A 318 -2.06 -8.91 -21.65
N ASP A 319 -1.02 -8.28 -21.11
CA ASP A 319 -1.14 -7.23 -20.10
C ASP A 319 -2.07 -6.14 -20.64
N THR A 320 -1.85 -5.76 -21.89
CA THR A 320 -2.64 -4.72 -22.57
C THR A 320 -4.10 -5.11 -22.90
N ASN A 321 -4.50 -6.33 -22.51
CA ASN A 321 -5.88 -6.82 -22.71
C ASN A 321 -6.58 -6.80 -21.34
N ILE A 322 -5.79 -6.88 -20.27
CA ILE A 322 -6.33 -6.82 -18.91
C ILE A 322 -6.56 -5.38 -18.44
N THR A 323 -5.63 -4.46 -18.74
CA THR A 323 -5.79 -3.07 -18.34
C THR A 323 -7.07 -2.44 -18.90
N PRO A 324 -7.45 -2.75 -20.17
CA PRO A 324 -8.70 -2.15 -20.68
C PRO A 324 -9.93 -2.69 -19.93
N ILE A 325 -9.85 -3.93 -19.42
CA ILE A 325 -10.98 -4.51 -18.66
C ILE A 325 -11.15 -3.76 -17.33
N LEU A 326 -10.03 -3.50 -16.66
CA LEU A 326 -10.06 -2.76 -15.39
C LEU A 326 -10.62 -1.37 -15.67
N ALA A 327 -10.18 -0.77 -16.76
CA ALA A 327 -10.69 0.55 -17.16
C ALA A 327 -12.20 0.47 -17.39
N ALA A 328 -12.63 -0.56 -18.11
CA ALA A 328 -14.06 -0.77 -18.40
C ALA A 328 -14.88 -0.90 -17.12
N LEU A 329 -14.35 -1.64 -16.16
CA LEU A 329 -15.01 -1.86 -14.87
C LEU A 329 -14.98 -0.64 -13.93
N GLY A 330 -14.14 0.36 -14.24
CA GLY A 330 -14.05 1.55 -13.42
C GLY A 330 -13.31 1.35 -12.10
N VAL A 331 -12.39 0.38 -12.06
CA VAL A 331 -11.60 0.13 -10.87
C VAL A 331 -10.15 0.59 -11.12
N LEU A 332 -9.50 1.04 -10.05
CA LEU A 332 -8.12 1.54 -10.12
C LEU A 332 -7.98 2.71 -11.10
N ILE A 333 -8.90 3.66 -11.02
CA ILE A 333 -8.88 4.84 -11.90
C ILE A 333 -8.30 6.04 -11.16
N PRO A 334 -7.09 6.50 -11.54
CA PRO A 334 -6.53 7.66 -10.82
C PRO A 334 -7.52 8.82 -10.88
N ASN A 335 -7.52 9.66 -9.85
CA ASN A 335 -8.44 10.78 -9.82
C ASN A 335 -8.22 11.80 -10.93
N GLU A 336 -7.01 11.80 -11.47
CA GLU A 336 -6.66 12.70 -12.56
C GLU A 336 -5.56 11.98 -13.33
N ASP A 337 -5.38 12.35 -14.60
CA ASP A 337 -4.35 11.75 -15.44
C ASP A 337 -3.00 11.89 -14.78
N LEU A 338 -2.18 10.86 -14.87
CA LEU A 338 -0.86 10.88 -14.26
C LEU A 338 0.04 11.95 -14.88
N PRO A 339 0.73 12.77 -14.05
CA PRO A 339 1.63 13.80 -14.57
C PRO A 339 2.83 13.11 -15.24
N LEU A 340 3.30 13.69 -16.34
CA LEU A 340 4.42 13.10 -17.09
C LEU A 340 5.82 13.45 -16.62
N ASP A 341 5.95 14.53 -15.87
CA ASP A 341 7.24 15.03 -15.42
C ASP A 341 7.67 14.76 -13.99
N ARG A 342 6.81 14.08 -13.22
CA ARG A 342 7.13 13.77 -11.84
C ARG A 342 6.33 12.56 -11.38
N VAL A 343 6.81 11.90 -10.33
CA VAL A 343 6.12 10.74 -9.79
C VAL A 343 4.91 11.17 -8.96
N ALA A 344 3.72 10.72 -9.36
CA ALA A 344 2.52 11.04 -8.60
C ALA A 344 2.38 9.94 -7.55
N PHE A 345 3.12 10.06 -6.45
CA PHE A 345 3.12 9.07 -5.37
C PHE A 345 1.75 8.72 -4.80
N GLY A 346 1.48 7.42 -4.65
CA GLY A 346 0.22 7.00 -4.07
C GLY A 346 -0.95 6.84 -5.03
N ASN A 347 -0.79 7.14 -6.31
CA ASN A 347 -1.91 6.96 -7.23
C ASN A 347 -2.12 5.43 -7.35
N PRO A 348 -3.37 5.01 -7.64
CA PRO A 348 -3.72 3.58 -7.77
C PRO A 348 -3.12 2.83 -8.95
N TYR A 349 -2.61 3.55 -9.95
CA TYR A 349 -2.05 2.94 -11.14
C TYR A 349 -0.62 2.44 -11.03
N SER A 350 -0.41 1.52 -10.11
CA SER A 350 0.89 0.93 -9.86
C SER A 350 0.91 -0.41 -10.58
N ILE A 351 1.44 -0.42 -11.80
CA ILE A 351 1.47 -1.61 -12.63
C ILE A 351 2.02 -2.89 -12.02
N GLY A 352 2.95 -2.79 -11.07
CA GLY A 352 3.46 -3.99 -10.44
C GLY A 352 2.38 -4.68 -9.62
N ASN A 353 1.28 -3.97 -9.34
CA ASN A 353 0.13 -4.51 -8.59
C ASN A 353 -1.09 -4.73 -9.48
N ILE A 354 -0.88 -4.60 -10.79
CA ILE A 354 -1.93 -4.75 -11.77
C ILE A 354 -1.55 -5.80 -12.79
N VAL A 355 -0.54 -5.53 -13.61
CA VAL A 355 -0.13 -6.50 -14.60
C VAL A 355 1.32 -6.87 -14.71
N PRO A 356 1.88 -7.49 -13.66
CA PRO A 356 3.30 -7.88 -13.74
C PRO A 356 3.28 -9.12 -14.66
N MET A 357 4.44 -9.69 -14.99
CA MET A 357 4.44 -10.88 -15.82
C MET A 357 3.50 -11.93 -15.16
N GLY A 358 2.63 -12.54 -15.95
CA GLY A 358 1.75 -13.55 -15.43
C GLY A 358 0.60 -13.09 -14.55
N GLY A 359 0.39 -11.77 -14.51
CA GLY A 359 -0.69 -11.22 -13.71
C GLY A 359 -2.04 -11.73 -14.16
N HIS A 360 -3.08 -11.54 -13.36
CA HIS A 360 -4.40 -12.06 -13.72
C HIS A 360 -5.57 -11.48 -12.95
N LEU A 361 -6.71 -11.41 -13.64
CA LEU A 361 -7.96 -10.94 -13.07
C LEU A 361 -8.89 -12.15 -13.04
N THR A 362 -9.27 -12.56 -11.84
CA THR A 362 -10.15 -13.69 -11.61
C THR A 362 -11.47 -13.22 -11.03
N ILE A 363 -12.56 -13.53 -11.71
CA ILE A 363 -13.88 -13.17 -11.24
C ILE A 363 -14.48 -14.43 -10.62
N GLU A 364 -14.79 -14.38 -9.33
CA GLU A 364 -15.38 -15.52 -8.63
C GLU A 364 -16.86 -15.25 -8.41
N ARG A 365 -17.72 -16.21 -8.75
CA ARG A 365 -19.16 -16.07 -8.50
C ARG A 365 -19.37 -16.79 -7.18
N LEU A 366 -19.93 -16.09 -6.21
CA LEU A 366 -20.14 -16.71 -4.90
C LEU A 366 -21.58 -17.01 -4.68
N SER A 367 -21.84 -18.22 -4.20
CA SER A 367 -23.17 -18.67 -3.85
C SER A 367 -23.14 -18.64 -2.34
N CYS A 368 -23.91 -17.71 -1.77
CA CYS A 368 -23.94 -17.53 -0.33
C CYS A 368 -25.26 -17.75 0.33
N GLN A 369 -25.22 -18.35 1.51
CA GLN A 369 -26.42 -18.49 2.32
C GLN A 369 -26.59 -17.13 3.00
N ALA A 370 -27.69 -16.92 3.72
CA ALA A 370 -27.87 -15.63 4.41
C ALA A 370 -26.86 -15.44 5.52
N THR A 371 -26.40 -14.21 5.72
CA THR A 371 -25.45 -13.91 6.79
C THR A 371 -26.08 -12.74 7.52
N ALA A 372 -25.51 -12.37 8.65
CA ALA A 372 -26.05 -11.27 9.44
C ALA A 372 -26.06 -9.96 8.70
N LEU A 373 -25.38 -9.88 7.55
CA LEU A 373 -25.32 -8.65 6.75
C LEU A 373 -25.84 -8.78 5.32
N SER A 374 -26.28 -9.98 4.94
CA SER A 374 -26.77 -10.18 3.57
C SER A 374 -27.77 -11.32 3.39
N ASP A 375 -28.55 -11.20 2.33
CA ASP A 375 -29.54 -12.20 1.97
C ASP A 375 -28.85 -13.33 1.23
N GLU A 376 -29.52 -14.47 1.23
CA GLU A 376 -29.05 -15.64 0.53
C GLU A 376 -29.02 -15.22 -0.95
N GLY A 377 -28.01 -15.64 -1.69
CA GLY A 377 -27.97 -15.24 -3.08
C GLY A 377 -26.62 -15.36 -3.75
N THR A 378 -26.52 -14.76 -4.93
CA THR A 378 -25.29 -14.78 -5.73
C THR A 378 -24.56 -13.45 -5.64
N TYR A 379 -23.27 -13.55 -5.41
CA TYR A 379 -22.40 -12.37 -5.28
C TYR A 379 -21.21 -12.48 -6.20
N VAL A 380 -20.65 -11.32 -6.54
CA VAL A 380 -19.51 -11.25 -7.42
C VAL A 380 -18.29 -10.72 -6.65
N ARG A 381 -17.18 -11.42 -6.77
CA ARG A 381 -15.94 -11.06 -6.11
C ARG A 381 -14.85 -10.97 -7.17
N LEU A 382 -14.03 -9.92 -7.13
CA LEU A 382 -12.92 -9.75 -8.08
C LEU A 382 -11.61 -9.96 -7.32
N VAL A 383 -10.70 -10.71 -7.92
CA VAL A 383 -9.40 -10.95 -7.32
C VAL A 383 -8.33 -10.59 -8.38
N LEU A 384 -7.45 -9.66 -8.04
CA LEU A 384 -6.38 -9.24 -8.93
C LEU A 384 -5.09 -9.67 -8.28
N ASN A 385 -4.38 -10.58 -8.95
CA ASN A 385 -3.11 -11.10 -8.47
C ASN A 385 -3.14 -11.55 -7.02
N GLU A 386 -4.12 -12.41 -6.70
CA GLU A 386 -4.31 -12.96 -5.36
C GLU A 386 -4.87 -12.04 -4.27
N ALA A 387 -5.24 -10.83 -4.64
CA ALA A 387 -5.77 -9.91 -3.67
C ALA A 387 -7.18 -9.52 -4.07
N VAL A 388 -8.11 -9.61 -3.12
CA VAL A 388 -9.48 -9.25 -3.37
C VAL A 388 -9.51 -7.77 -3.70
N LEU A 389 -10.16 -7.45 -4.81
CA LEU A 389 -10.32 -6.08 -5.27
C LEU A 389 -11.81 -5.71 -5.18
N PRO A 390 -12.18 -4.96 -4.13
CA PRO A 390 -13.56 -4.51 -3.89
C PRO A 390 -14.09 -3.72 -5.09
N PHE A 391 -15.34 -3.97 -5.46
CA PHE A 391 -15.92 -3.28 -6.59
C PHE A 391 -16.41 -1.86 -6.21
N ASN A 392 -15.45 -0.99 -5.91
CA ASN A 392 -15.72 0.40 -5.55
C ASN A 392 -16.71 0.51 -4.40
N ASP A 393 -17.84 1.16 -4.62
CA ASP A 393 -18.82 1.31 -3.56
C ASP A 393 -19.82 0.16 -3.43
N CYS A 394 -19.73 -0.86 -4.28
CA CYS A 394 -20.64 -2.00 -4.17
C CYS A 394 -19.94 -3.08 -3.35
N THR A 395 -20.03 -2.97 -2.03
CA THR A 395 -19.38 -3.91 -1.14
C THR A 395 -20.31 -4.40 -0.02
N SER A 396 -21.59 -4.56 -0.36
CA SER A 396 -22.60 -5.00 0.59
C SER A 396 -22.71 -6.50 0.86
N GLY A 397 -22.16 -7.33 -0.01
CA GLY A 397 -22.25 -8.76 0.22
C GLY A 397 -21.14 -9.29 1.09
N PRO A 398 -21.13 -10.60 1.39
CA PRO A 398 -20.10 -11.21 2.22
C PRO A 398 -18.70 -10.92 1.62
N GLY A 399 -17.70 -10.74 2.48
CA GLY A 399 -16.35 -10.45 2.02
C GLY A 399 -16.25 -9.22 1.12
N TYR A 400 -17.11 -8.24 1.38
CA TYR A 400 -17.14 -7.00 0.60
C TYR A 400 -17.42 -7.25 -0.87
N SER A 401 -18.23 -8.27 -1.16
CA SER A 401 -18.56 -8.60 -2.54
C SER A 401 -19.74 -7.74 -3.02
N CYS A 402 -20.10 -7.89 -4.28
CA CYS A 402 -21.18 -7.12 -4.86
C CYS A 402 -22.33 -8.05 -5.30
N PRO A 403 -23.58 -7.78 -4.83
CA PRO A 403 -24.71 -8.62 -5.21
C PRO A 403 -24.77 -8.70 -6.76
N LEU A 404 -24.93 -9.90 -7.30
CA LEU A 404 -24.96 -10.05 -8.76
C LEU A 404 -25.88 -9.05 -9.49
N ALA A 405 -27.05 -8.79 -8.92
CA ALA A 405 -28.01 -7.85 -9.50
C ALA A 405 -27.45 -6.43 -9.61
N ASN A 406 -26.75 -5.97 -8.56
CA ASN A 406 -26.15 -4.62 -8.53
C ASN A 406 -25.00 -4.59 -9.54
N TYR A 407 -24.18 -5.64 -9.51
CA TYR A 407 -23.06 -5.76 -10.43
C TYR A 407 -23.59 -5.65 -11.87
N THR A 408 -24.70 -6.33 -12.15
CA THR A 408 -25.31 -6.30 -13.46
C THR A 408 -25.77 -4.88 -13.83
N SER A 409 -26.47 -4.19 -12.93
CA SER A 409 -26.93 -2.82 -13.24
C SER A 409 -25.76 -1.88 -13.46
N ILE A 410 -24.71 -2.01 -12.64
CA ILE A 410 -23.55 -1.14 -12.76
C ILE A 410 -22.90 -1.31 -14.13
N LEU A 411 -22.57 -2.54 -14.53
CA LEU A 411 -21.97 -2.76 -15.86
C LEU A 411 -22.92 -2.33 -16.99
N ASN A 412 -24.20 -2.71 -16.90
CA ASN A 412 -25.18 -2.32 -17.91
C ASN A 412 -25.26 -0.81 -18.07
N LYS A 413 -25.24 -0.11 -16.95
CA LYS A 413 -25.32 1.35 -16.97
C LYS A 413 -24.02 2.04 -17.39
N ASN A 414 -22.86 1.46 -17.06
CA ASN A 414 -21.59 2.14 -17.37
C ASN A 414 -20.68 1.68 -18.49
N LEU A 415 -20.78 0.42 -18.93
CA LEU A 415 -19.89 -0.04 -19.98
C LEU A 415 -20.11 0.69 -21.31
N PRO A 416 -19.04 1.20 -21.93
CA PRO A 416 -19.21 1.89 -23.22
C PRO A 416 -19.45 0.83 -24.28
N ASP A 417 -19.91 1.25 -25.46
CA ASP A 417 -20.18 0.32 -26.54
C ASP A 417 -18.92 0.11 -27.35
N TYR A 418 -18.52 -1.14 -27.52
CA TYR A 418 -17.31 -1.44 -28.27
C TYR A 418 -17.33 -1.14 -29.78
N THR A 419 -18.21 -1.80 -30.52
CA THR A 419 -18.26 -1.62 -31.98
C THR A 419 -18.43 -0.17 -32.43
N THR A 420 -19.31 0.56 -31.76
CA THR A 420 -19.55 1.96 -32.05
C THR A 420 -18.30 2.76 -31.80
N THR A 421 -17.83 2.75 -30.55
CA THR A 421 -16.64 3.49 -30.14
C THR A 421 -15.44 3.17 -31.00
N CYS A 422 -15.27 1.88 -31.30
CA CYS A 422 -14.11 1.44 -32.05
C CYS A 422 -14.23 1.35 -33.55
N ASN A 423 -15.34 1.86 -34.10
CA ASN A 423 -15.59 1.88 -35.55
C ASN A 423 -15.36 0.48 -36.16
N VAL A 424 -15.95 -0.53 -35.54
CA VAL A 424 -15.81 -1.90 -35.99
C VAL A 424 -16.71 -2.21 -37.19
N SER A 425 -16.11 -2.73 -38.26
CA SER A 425 -16.84 -3.08 -39.48
C SER A 425 -18.07 -3.95 -39.19
N ALA A 426 -19.20 -3.60 -39.80
CA ALA A 426 -20.46 -4.34 -39.60
C ALA A 426 -20.32 -5.78 -40.07
N SER A 427 -19.29 -6.06 -40.86
CA SER A 427 -19.06 -7.40 -41.36
C SER A 427 -18.24 -8.29 -40.42
N TYR A 428 -17.81 -7.75 -39.28
CA TYR A 428 -17.04 -8.54 -38.30
C TYR A 428 -17.99 -8.98 -37.19
N PRO A 429 -17.63 -10.06 -36.46
CA PRO A 429 -18.49 -10.53 -35.38
C PRO A 429 -18.75 -9.35 -34.41
N GLN A 430 -20.01 -9.11 -34.10
CA GLN A 430 -20.36 -8.00 -33.24
C GLN A 430 -20.45 -8.32 -31.76
N TYR A 431 -20.31 -9.59 -31.41
CA TYR A 431 -20.38 -9.99 -30.00
C TYR A 431 -19.50 -11.24 -29.87
N LEU A 432 -19.06 -11.51 -28.64
CA LEU A 432 -18.18 -12.65 -28.35
C LEU A 432 -19.00 -13.95 -28.29
N SER A 433 -18.49 -14.99 -28.94
CA SER A 433 -19.15 -16.30 -28.96
C SER A 433 -18.36 -17.49 -28.48
N PHE A 434 -17.03 -17.42 -28.54
CA PHE A 434 -16.23 -18.57 -28.16
C PHE A 434 -16.49 -19.23 -26.81
N TRP A 435 -16.98 -18.48 -25.83
CA TRP A 435 -17.24 -19.11 -24.54
C TRP A 435 -18.42 -20.07 -24.63
N TRP A 436 -19.24 -19.87 -25.67
CA TRP A 436 -20.41 -20.71 -25.91
C TRP A 436 -20.28 -21.58 -27.17
N ASN A 437 -19.35 -21.24 -28.05
CA ASN A 437 -19.15 -22.01 -29.28
C ASN A 437 -17.70 -22.38 -29.37
N TYR A 438 -17.36 -23.53 -28.84
CA TYR A 438 -15.98 -23.97 -28.81
C TYR A 438 -15.87 -25.46 -29.13
N ASN A 439 -14.64 -25.93 -29.29
CA ASN A 439 -14.37 -27.32 -29.61
C ASN A 439 -13.87 -28.01 -28.36
N THR A 440 -13.96 -29.33 -28.36
CA THR A 440 -13.51 -30.11 -27.22
C THR A 440 -12.35 -31.01 -27.62
N THR A 441 -11.77 -30.76 -28.79
CA THR A 441 -10.64 -31.56 -29.23
C THR A 441 -9.42 -31.11 -28.47
N THR A 442 -8.44 -32.00 -28.36
CA THR A 442 -7.24 -31.71 -27.62
C THR A 442 -5.93 -31.58 -28.43
N GLU A 443 -6.02 -31.43 -29.75
CA GLU A 443 -4.81 -31.33 -30.59
C GLU A 443 -3.93 -30.13 -30.33
N LEU A 444 -4.56 -29.04 -29.92
CA LEU A 444 -3.78 -27.85 -29.67
C LEU A 444 -3.14 -27.83 -28.27
N ASN A 445 -3.44 -28.83 -27.44
CA ASN A 445 -2.91 -28.89 -26.07
C ASN A 445 -1.41 -28.91 -25.95
N TYR A 446 -0.74 -29.64 -26.85
CA TYR A 446 0.73 -29.76 -26.83
C TYR A 446 1.35 -29.11 -28.06
N ARG A 447 2.49 -28.43 -27.88
CA ARG A 447 3.16 -27.77 -29.01
C ARG A 447 3.65 -28.85 -29.96
N SER A 448 3.50 -28.65 -31.25
CA SER A 448 3.93 -29.64 -32.22
C SER A 448 5.01 -29.17 -33.21
N SER A 449 5.51 -27.95 -33.04
CA SER A 449 6.57 -27.42 -33.91
C SER A 449 7.54 -26.53 -33.10
N PRO A 450 8.77 -26.31 -33.62
CA PRO A 450 9.71 -25.47 -32.87
C PRO A 450 9.15 -24.07 -32.65
N ILE A 451 9.74 -23.35 -31.70
CA ILE A 451 9.29 -22.00 -31.45
C ILE A 451 9.92 -21.22 -32.61
N ALA A 452 9.08 -20.56 -33.40
CA ALA A 452 9.56 -19.77 -34.52
C ALA A 452 10.47 -18.64 -34.01
N CYS A 453 11.35 -18.14 -34.88
CA CYS A 453 12.27 -17.08 -34.53
C CYS A 453 11.44 -15.86 -34.16
N GLN A 454 11.59 -15.40 -32.92
CA GLN A 454 10.85 -14.24 -32.41
C GLN A 454 9.35 -14.38 -32.59
N GLU A 455 8.88 -15.63 -32.54
CA GLU A 455 7.48 -15.95 -32.74
C GLU A 455 6.53 -15.03 -31.97
N GLY A 456 5.62 -14.44 -32.71
CA GLY A 456 4.62 -13.55 -32.18
C GLY A 456 3.30 -14.20 -32.47
N ASP A 457 2.50 -13.61 -33.37
CA ASP A 457 1.21 -14.19 -33.78
C ASP A 457 1.41 -15.65 -34.11
N ALA A 458 0.51 -16.50 -33.64
CA ALA A 458 0.64 -17.92 -33.90
C ALA A 458 -0.71 -18.52 -33.60
N MET A 459 -0.97 -19.69 -34.17
CA MET A 459 -2.24 -20.37 -33.95
C MET A 459 -1.98 -21.78 -33.46
N ASP A 460 -0.75 -22.02 -33.00
CA ASP A 460 -0.33 -23.31 -32.52
C ASP A 460 1.01 -23.17 -31.75
N LYS B 14 16.70 -17.21 -4.72
CA LYS B 14 16.18 -16.05 -5.54
C LYS B 14 16.28 -14.67 -4.88
N GLN B 15 16.26 -13.62 -5.70
CA GLN B 15 16.46 -12.26 -5.22
C GLN B 15 15.34 -11.60 -4.48
N PHE B 16 14.11 -11.82 -4.92
CA PHE B 16 12.97 -11.18 -4.28
C PHE B 16 11.82 -12.16 -4.06
N SER B 17 11.12 -12.00 -2.95
CA SER B 17 9.99 -12.83 -2.61
C SER B 17 8.78 -12.36 -3.44
N GLN B 18 7.95 -13.29 -3.91
CA GLN B 18 6.77 -12.89 -4.69
C GLN B 18 5.50 -12.74 -3.86
N GLU B 19 5.60 -13.01 -2.56
CA GLU B 19 4.47 -12.92 -1.66
C GLU B 19 4.42 -11.53 -1.08
N PHE B 20 3.24 -10.93 -1.04
CA PHE B 20 3.05 -9.58 -0.50
C PHE B 20 1.91 -9.61 0.51
N ARG B 21 2.31 -9.86 1.75
CA ARG B 21 1.41 -10.00 2.86
C ARG B 21 1.23 -8.85 3.89
N ASP B 22 2.04 -7.80 3.81
CA ASP B 22 1.93 -6.67 4.74
C ASP B 22 0.50 -6.14 4.97
N GLY B 23 -0.29 -6.10 3.89
CA GLY B 23 -1.64 -5.57 3.94
C GLY B 23 -2.62 -6.29 4.85
N TYR B 24 -2.31 -7.54 5.15
CA TYR B 24 -3.13 -8.37 6.01
C TYR B 24 -2.85 -8.15 7.49
N SER B 25 -1.71 -7.56 7.83
CA SER B 25 -1.36 -7.36 9.24
C SER B 25 -2.40 -6.60 10.03
N ILE B 26 -2.81 -7.16 11.17
CA ILE B 26 -3.83 -6.53 12.01
C ILE B 26 -3.30 -5.20 12.54
N LEU B 27 -1.97 -5.04 12.62
CA LEU B 27 -1.40 -3.79 13.08
C LEU B 27 -1.85 -2.63 12.21
N LYS B 28 -2.26 -2.93 10.98
CA LYS B 28 -2.72 -1.89 10.06
C LYS B 28 -4.25 -1.80 10.02
N HIS B 29 -4.92 -2.44 10.99
CA HIS B 29 -6.38 -2.46 11.01
C HIS B 29 -7.06 -2.16 12.33
N TYR B 30 -6.46 -1.29 13.15
CA TYR B 30 -7.09 -0.93 14.41
C TYR B 30 -6.99 0.56 14.73
N GLY B 31 -6.98 1.42 13.71
CA GLY B 31 -6.85 2.84 13.93
C GLY B 31 -5.53 3.10 14.65
N GLY B 32 -5.57 3.84 15.76
CA GLY B 32 -4.36 4.11 16.49
C GLY B 32 -4.30 3.47 17.86
N ASN B 33 -5.12 2.44 18.10
CA ASN B 33 -5.18 1.76 19.41
C ASN B 33 -4.04 0.86 19.78
N GLY B 34 -3.48 0.18 18.79
CA GLY B 34 -2.43 -0.78 19.08
C GLY B 34 -1.01 -0.39 18.81
N PRO B 35 -0.11 -1.36 18.92
CA PRO B 35 1.32 -1.14 18.71
C PRO B 35 1.74 -0.32 17.46
N TYR B 36 2.91 0.31 17.60
CA TYR B 36 3.53 1.08 16.55
C TYR B 36 3.91 0.14 15.41
N SER B 37 3.91 0.66 14.18
CA SER B 37 4.32 -0.11 13.02
C SER B 37 4.91 0.87 12.02
N GLU B 38 5.87 0.40 11.23
CA GLU B 38 6.46 1.24 10.21
C GLU B 38 5.40 1.50 9.16
N ARG B 39 5.34 2.74 8.70
CA ARG B 39 4.39 3.13 7.65
C ARG B 39 4.78 2.43 6.36
N VAL B 40 3.76 2.03 5.60
CA VAL B 40 3.98 1.39 4.31
C VAL B 40 4.75 2.35 3.40
N SER B 41 5.87 1.89 2.87
CA SER B 41 6.74 2.68 2.01
C SER B 41 6.37 2.77 0.54
N TYR B 42 6.70 3.91 -0.10
CA TYR B 42 6.46 4.09 -1.53
C TYR B 42 7.67 3.50 -2.24
N GLY B 43 8.70 3.15 -1.46
CA GLY B 43 9.90 2.56 -2.01
C GLY B 43 11.11 3.49 -2.01
N ILE B 44 10.89 4.75 -1.63
CA ILE B 44 11.94 5.77 -1.57
C ILE B 44 12.93 5.43 -0.47
N ALA B 45 14.22 5.50 -0.76
CA ALA B 45 15.24 5.16 0.24
C ALA B 45 15.15 6.09 1.46
N ARG B 46 15.16 5.49 2.64
CA ARG B 46 15.05 6.18 3.91
C ARG B 46 16.24 7.03 4.28
N ASP B 47 17.44 6.60 3.91
CA ASP B 47 18.65 7.36 4.23
C ASP B 47 18.83 8.57 3.33
N PRO B 48 19.64 9.54 3.78
CA PRO B 48 19.88 10.75 2.98
C PRO B 48 20.46 10.39 1.62
N PRO B 49 19.97 11.03 0.56
CA PRO B 49 20.48 10.75 -0.80
C PRO B 49 21.99 11.00 -0.88
N THR B 50 22.63 10.37 -1.85
CA THR B 50 24.05 10.59 -2.08
C THR B 50 24.17 12.10 -2.38
N SER B 51 25.21 12.74 -1.84
CA SER B 51 25.48 14.19 -1.98
C SER B 51 24.80 15.02 -0.90
N CYS B 52 24.02 14.38 -0.04
CA CYS B 52 23.29 15.08 1.00
C CYS B 52 23.52 14.51 2.38
N GLU B 53 23.19 15.34 3.37
CA GLU B 53 23.22 14.92 4.76
C GLU B 53 22.23 15.75 5.53
N VAL B 54 21.66 15.17 6.57
CA VAL B 54 20.68 15.86 7.41
C VAL B 54 21.45 16.79 8.35
N ASP B 55 21.07 18.07 8.35
CA ASP B 55 21.74 19.02 9.22
C ASP B 55 20.82 19.54 10.30
N GLN B 56 19.58 19.09 10.31
CA GLN B 56 18.63 19.54 11.31
C GLN B 56 17.45 18.58 11.30
N VAL B 57 16.98 18.20 12.50
CA VAL B 57 15.85 17.28 12.69
C VAL B 57 14.79 17.85 13.60
N ILE B 58 13.53 17.81 13.17
CA ILE B 58 12.40 18.31 13.95
C ILE B 58 11.36 17.21 13.98
N MET B 59 11.19 16.56 15.12
CA MET B 59 10.29 15.44 15.25
C MET B 59 9.18 15.66 16.26
N VAL B 60 8.00 15.11 15.98
CA VAL B 60 6.89 15.13 16.94
C VAL B 60 6.43 13.67 17.01
N LYS B 61 6.60 13.06 18.18
CA LYS B 61 6.22 11.67 18.41
C LYS B 61 5.04 11.60 19.38
N ARG B 62 4.11 10.68 19.08
CA ARG B 62 2.94 10.44 19.91
C ARG B 62 3.44 9.64 21.12
N HIS B 63 2.74 9.71 22.25
CA HIS B 63 3.11 8.89 23.41
C HIS B 63 3.14 7.41 22.94
N GLY B 64 3.86 6.56 23.65
CA GLY B 64 3.93 5.18 23.26
C GLY B 64 2.66 4.42 23.60
N GLU B 65 2.70 3.11 23.42
CA GLU B 65 1.58 2.21 23.71
C GLU B 65 1.07 2.40 25.14
N ARG B 66 -0.25 2.48 25.29
CA ARG B 66 -0.86 2.71 26.59
C ARG B 66 -2.07 1.81 26.86
N TYR B 67 -2.61 1.95 28.08
CA TYR B 67 -3.82 1.25 28.52
C TYR B 67 -4.98 2.11 28.01
N PRO B 68 -6.17 1.53 27.88
CA PRO B 68 -7.31 2.33 27.41
C PRO B 68 -7.58 3.54 28.30
N SER B 69 -8.39 4.47 27.83
CA SER B 69 -8.72 5.62 28.63
C SER B 69 -9.81 5.14 29.60
N PRO B 70 -10.11 5.94 30.64
CA PRO B 70 -11.15 5.55 31.61
C PRO B 70 -12.53 5.27 30.97
N SER B 71 -12.98 6.11 30.05
CA SER B 71 -14.28 5.91 29.40
C SER B 71 -14.30 4.65 28.54
N ALA B 72 -13.23 4.45 27.78
CA ALA B 72 -13.12 3.27 26.93
C ALA B 72 -13.11 2.06 27.84
N GLY B 73 -12.39 2.15 28.95
CA GLY B 73 -12.30 1.04 29.89
C GLY B 73 -13.63 0.68 30.48
N LYS B 74 -14.43 1.69 30.78
CA LYS B 74 -15.77 1.49 31.34
C LYS B 74 -16.56 0.64 30.35
N ASP B 75 -16.58 1.07 29.09
CA ASP B 75 -17.27 0.36 28.01
C ASP B 75 -16.72 -1.07 27.81
N ILE B 76 -15.40 -1.21 27.84
CA ILE B 76 -14.79 -2.53 27.67
C ILE B 76 -15.27 -3.44 28.79
N GLU B 77 -15.29 -2.89 30.02
CA GLU B 77 -15.73 -3.65 31.17
C GLU B 77 -17.20 -4.07 31.09
N GLU B 78 -18.08 -3.19 30.61
CA GLU B 78 -19.48 -3.54 30.47
C GLU B 78 -19.70 -4.65 29.46
N ALA B 79 -18.94 -4.61 28.37
CA ALA B 79 -19.02 -5.63 27.32
C ALA B 79 -18.51 -6.95 27.88
N LEU B 80 -17.44 -6.89 28.67
CA LEU B 80 -16.87 -8.09 29.28
C LEU B 80 -17.81 -8.70 30.34
N ALA B 81 -18.65 -7.87 30.94
CA ALA B 81 -19.59 -8.35 31.95
C ALA B 81 -20.58 -9.28 31.24
N LYS B 82 -21.06 -8.85 30.07
CA LYS B 82 -21.98 -9.66 29.27
C LYS B 82 -21.30 -10.94 28.84
N VAL B 83 -20.02 -10.86 28.47
CA VAL B 83 -19.29 -12.04 28.05
C VAL B 83 -19.20 -13.00 29.21
N TYR B 84 -18.93 -12.46 30.40
CA TYR B 84 -18.77 -13.25 31.60
C TYR B 84 -20.03 -13.74 32.32
N SER B 85 -21.21 -13.33 31.84
CA SER B 85 -22.44 -13.75 32.47
C SER B 85 -22.85 -15.21 32.21
N ILE B 86 -21.89 -16.09 31.89
CA ILE B 86 -22.18 -17.51 31.63
C ILE B 86 -20.98 -18.39 32.04
N THR B 89 -20.04 -21.80 33.28
CA THR B 89 -19.60 -23.00 32.56
C THR B 89 -18.48 -22.70 31.58
N GLU B 90 -17.63 -23.71 31.35
CA GLU B 90 -16.49 -23.66 30.44
C GLU B 90 -16.79 -23.11 29.03
N TYR B 91 -16.02 -22.10 28.60
CA TYR B 91 -16.17 -21.44 27.30
C TYR B 91 -15.83 -22.33 26.12
N LYS B 92 -16.58 -22.15 25.04
CA LYS B 92 -16.43 -22.95 23.83
C LYS B 92 -15.95 -22.14 22.64
N GLY B 93 -15.58 -22.85 21.59
CA GLY B 93 -15.14 -22.26 20.34
C GLY B 93 -13.96 -21.33 20.43
N ASP B 94 -14.05 -20.21 19.73
CA ASP B 94 -13.00 -19.20 19.72
C ASP B 94 -12.78 -18.54 21.06
N LEU B 95 -13.76 -18.62 21.97
CA LEU B 95 -13.60 -18.02 23.28
C LEU B 95 -13.10 -19.02 24.32
N ALA B 96 -12.66 -20.19 23.87
CA ALA B 96 -12.18 -21.20 24.79
C ALA B 96 -11.03 -20.69 25.67
N PHE B 97 -10.19 -19.82 25.12
CA PHE B 97 -9.04 -19.25 25.86
C PHE B 97 -9.50 -18.46 27.11
N LEU B 98 -10.76 -18.03 27.13
CA LEU B 98 -11.33 -17.30 28.25
C LEU B 98 -11.33 -18.12 29.52
N ASN B 99 -11.23 -19.45 29.41
CA ASN B 99 -11.19 -20.33 30.58
C ASN B 99 -9.87 -20.11 31.36
N ASP B 100 -8.86 -19.59 30.68
CA ASP B 100 -7.58 -19.30 31.31
C ASP B 100 -7.12 -17.93 30.77
N TRP B 101 -7.84 -16.86 31.13
CA TRP B 101 -7.53 -15.50 30.67
C TRP B 101 -7.96 -14.47 31.70
N THR B 102 -7.15 -13.43 31.85
CA THR B 102 -7.45 -12.35 32.77
C THR B 102 -7.28 -11.03 32.02
N TYR B 103 -8.19 -10.09 32.29
CA TYR B 103 -8.14 -8.77 31.69
C TYR B 103 -6.74 -8.22 32.01
N TYR B 104 -6.17 -7.47 31.08
CA TYR B 104 -4.81 -6.94 31.21
C TYR B 104 -4.61 -5.63 31.98
N VAL B 105 -5.69 -4.91 32.31
CA VAL B 105 -5.55 -3.66 33.04
C VAL B 105 -5.46 -4.05 34.53
N PRO B 106 -4.28 -3.81 35.16
CA PRO B 106 -4.07 -4.17 36.57
C PRO B 106 -5.19 -3.68 37.49
N ASN B 107 -5.57 -2.42 37.36
CA ASN B 107 -6.68 -1.87 38.12
C ASN B 107 -7.03 -0.62 37.38
N GLU B 108 -8.18 -0.04 37.70
CA GLU B 108 -8.67 1.15 37.01
C GLU B 108 -7.76 2.38 37.08
N CYS B 109 -6.84 2.42 38.03
CA CYS B 109 -5.93 3.55 38.11
C CYS B 109 -4.88 3.55 37.00
N TYR B 110 -4.76 2.41 36.30
CA TYR B 110 -3.81 2.26 35.21
C TYR B 110 -4.32 2.81 33.87
N TYR B 111 -5.62 3.01 33.76
CA TYR B 111 -6.18 3.56 32.54
C TYR B 111 -5.45 4.87 32.29
N ASN B 112 -5.11 5.12 31.02
CA ASN B 112 -4.39 6.30 30.56
C ASN B 112 -2.86 6.20 30.58
N ALA B 113 -2.34 5.25 31.35
CA ALA B 113 -0.91 5.10 31.48
C ALA B 113 -0.22 4.37 30.36
N GLU B 114 1.09 4.57 30.27
CA GLU B 114 1.92 3.88 29.30
C GLU B 114 2.08 2.46 29.82
N THR B 115 2.12 1.51 28.89
CA THR B 115 2.31 0.12 29.26
C THR B 115 3.79 -0.13 29.54
N THR B 116 4.07 -1.14 30.35
CA THR B 116 5.42 -1.45 30.76
C THR B 116 5.68 -2.96 30.79
N SER B 117 5.05 -3.69 29.86
CA SER B 117 5.24 -5.14 29.78
C SER B 117 5.06 -5.59 28.35
N GLY B 118 5.76 -6.66 27.97
CA GLY B 118 5.64 -7.17 26.61
C GLY B 118 6.54 -6.50 25.60
N PRO B 119 6.61 -7.06 24.38
CA PRO B 119 7.46 -6.51 23.31
C PRO B 119 6.97 -5.16 22.76
N TYR B 120 5.70 -4.86 23.03
CA TYR B 120 5.08 -3.63 22.55
C TYR B 120 4.89 -2.57 23.64
N ALA B 121 5.53 -2.77 24.79
CA ALA B 121 5.42 -1.84 25.91
C ALA B 121 5.71 -0.41 25.42
N GLY B 122 4.87 0.54 25.86
CA GLY B 122 4.98 1.93 25.48
C GLY B 122 6.31 2.60 25.79
N LEU B 123 6.83 2.34 27.00
CA LEU B 123 8.10 2.93 27.40
C LEU B 123 9.25 2.28 26.65
N LEU B 124 9.14 0.98 26.36
CA LEU B 124 10.17 0.27 25.58
C LEU B 124 10.21 0.86 24.16
N ASP B 125 9.03 1.18 23.63
CA ASP B 125 8.89 1.80 22.30
C ASP B 125 9.71 3.08 22.26
N ALA B 126 9.45 3.99 23.23
CA ALA B 126 10.14 5.26 23.35
C ALA B 126 11.66 5.11 23.49
N TYR B 127 12.09 4.22 24.36
CA TYR B 127 13.51 4.00 24.60
C TYR B 127 14.19 3.43 23.35
N ASN B 128 13.49 2.52 22.67
CA ASN B 128 14.01 1.87 21.47
C ASN B 128 14.16 2.92 20.36
N HIS B 129 13.14 3.77 20.22
CA HIS B 129 13.13 4.83 19.21
C HIS B 129 14.30 5.81 19.46
N GLY B 130 14.58 6.12 20.73
CA GLY B 130 15.66 7.02 21.08
C GLY B 130 17.03 6.46 20.74
N ASN B 131 17.26 5.18 21.04
CA ASN B 131 18.54 4.51 20.75
C ASN B 131 18.76 4.51 19.24
N ASP B 132 17.67 4.29 18.54
CA ASP B 132 17.66 4.24 17.11
C ASP B 132 18.05 5.60 16.51
N TYR B 133 17.38 6.66 16.96
CA TYR B 133 17.69 8.00 16.50
C TYR B 133 19.10 8.44 16.91
N LYS B 134 19.66 7.84 17.94
CA LYS B 134 21.01 8.18 18.34
C LYS B 134 21.96 7.78 17.22
N ALA B 135 21.80 6.58 16.68
CA ALA B 135 22.66 6.11 15.60
C ALA B 135 22.43 6.92 14.34
N ARG B 136 21.17 7.22 14.04
CA ARG B 136 20.85 7.97 12.84
C ARG B 136 21.22 9.45 12.86
N TYR B 137 21.03 10.09 14.00
CA TYR B 137 21.28 11.52 14.13
C TYR B 137 22.30 11.94 15.19
N GLY B 138 23.07 10.99 15.70
CA GLY B 138 24.06 11.31 16.71
C GLY B 138 25.04 12.38 16.28
N HIS B 139 25.38 12.37 15.00
CA HIS B 139 26.30 13.35 14.41
C HIS B 139 25.82 14.80 14.59
N LEU B 140 24.56 15.00 14.96
CA LEU B 140 23.99 16.34 15.14
C LEU B 140 24.11 16.86 16.59
N TRP B 141 24.79 16.10 17.45
CA TRP B 141 25.01 16.48 18.84
C TRP B 141 26.51 16.31 19.08
N ASN B 142 27.16 17.37 19.55
CA ASN B 142 28.60 17.32 19.78
C ASN B 142 29.05 16.70 21.09
N GLY B 143 28.12 16.16 21.87
CA GLY B 143 28.49 15.55 23.14
C GLY B 143 28.73 16.51 24.30
N GLU B 144 28.54 17.81 24.06
CA GLU B 144 28.76 18.86 25.07
C GLU B 144 27.56 19.71 25.34
N THR B 145 26.89 20.07 24.28
CA THR B 145 25.71 20.89 24.39
C THR B 145 24.59 20.25 25.24
N VAL B 146 23.79 21.09 25.89
CA VAL B 146 22.65 20.63 26.67
C VAL B 146 21.48 20.86 25.73
N VAL B 147 20.85 19.78 25.28
CA VAL B 147 19.74 19.86 24.33
C VAL B 147 18.35 19.85 25.00
N PRO B 148 17.57 20.92 24.82
CA PRO B 148 16.25 20.90 25.45
C PRO B 148 15.31 20.05 24.59
N PHE B 149 14.41 19.31 25.21
CA PHE B 149 13.44 18.51 24.45
C PHE B 149 12.10 18.87 25.06
N PHE B 150 11.04 18.74 24.26
CA PHE B 150 9.72 19.19 24.68
C PHE B 150 8.62 18.15 24.70
N SER B 151 7.79 18.22 25.74
CA SER B 151 6.67 17.32 25.91
C SER B 151 5.44 18.13 26.31
N SER B 152 4.25 17.73 25.84
CA SER B 152 3.03 18.41 26.24
C SER B 152 2.74 17.96 27.70
N GLY B 153 1.97 18.75 28.43
CA GLY B 153 1.68 18.40 29.81
C GLY B 153 0.65 17.31 30.03
N TYR B 154 1.06 16.06 29.80
CA TYR B 154 0.18 14.91 29.96
C TYR B 154 1.05 13.73 30.36
N GLY B 155 0.67 13.05 31.44
CA GLY B 155 1.42 11.92 31.96
C GLY B 155 2.07 10.97 30.98
N ARG B 156 1.26 10.25 30.18
CA ARG B 156 1.82 9.29 29.24
C ARG B 156 2.76 9.91 28.21
N VAL B 157 2.50 11.17 27.83
CA VAL B 157 3.35 11.86 26.87
C VAL B 157 4.72 12.16 27.52
N ILE B 158 4.67 12.68 28.76
CA ILE B 158 5.87 13.02 29.52
C ILE B 158 6.72 11.78 29.71
N GLU B 159 6.09 10.66 30.06
CA GLU B 159 6.84 9.43 30.28
C GLU B 159 7.50 8.90 29.00
N THR B 160 6.86 9.13 27.85
CA THR B 160 7.38 8.72 26.56
C THR B 160 8.62 9.58 26.25
N ALA B 161 8.47 10.89 26.47
CA ALA B 161 9.54 11.86 26.24
C ALA B 161 10.77 11.50 27.04
N ARG B 162 10.54 11.22 28.32
CA ARG B 162 11.63 10.85 29.21
C ARG B 162 12.37 9.63 28.72
N LYS B 163 11.64 8.58 28.34
CA LYS B 163 12.29 7.35 27.87
C LYS B 163 12.99 7.51 26.51
N PHE B 164 12.46 8.38 25.65
CA PHE B 164 13.07 8.63 24.36
C PHE B 164 14.39 9.38 24.61
N GLY B 165 14.29 10.48 25.36
CA GLY B 165 15.46 11.27 25.70
C GLY B 165 16.57 10.42 26.31
N GLU B 166 16.21 9.47 27.16
CA GLU B 166 17.20 8.63 27.82
C GLU B 166 17.84 7.67 26.82
N GLY B 167 17.06 7.26 25.82
CA GLY B 167 17.57 6.36 24.82
C GLY B 167 18.57 7.08 23.93
N PHE B 168 18.22 8.30 23.54
CA PHE B 168 19.09 9.14 22.70
C PHE B 168 20.39 9.62 23.40
N PHE B 169 20.24 10.28 24.55
CA PHE B 169 21.38 10.81 25.27
C PHE B 169 22.12 9.80 26.13
N GLY B 170 21.47 8.68 26.43
CA GLY B 170 22.11 7.60 27.20
C GLY B 170 22.86 7.99 28.45
N TYR B 171 24.15 7.69 28.49
CA TYR B 171 25.00 8.01 29.63
C TYR B 171 24.96 9.48 30.06
N ASN B 172 24.60 10.36 29.12
CA ASN B 172 24.55 11.81 29.36
C ASN B 172 23.14 12.37 29.41
N TYR B 173 22.14 11.52 29.66
CA TYR B 173 20.76 11.98 29.72
C TYR B 173 20.50 12.90 30.90
N SER B 174 21.06 12.60 32.07
CA SER B 174 20.78 13.44 33.23
C SER B 174 21.43 14.82 33.18
N THR B 175 22.51 14.97 32.43
CA THR B 175 23.22 16.24 32.32
C THR B 175 23.00 17.02 31.02
N ASN B 176 22.94 16.32 29.90
CA ASN B 176 22.83 17.00 28.61
C ASN B 176 21.52 17.07 27.86
N ALA B 177 20.44 16.63 28.50
CA ALA B 177 19.13 16.69 27.90
C ALA B 177 18.34 17.51 28.89
N ALA B 178 17.46 18.38 28.43
CA ALA B 178 16.67 19.21 29.33
C ALA B 178 15.18 19.15 29.00
N LEU B 179 14.42 18.36 29.76
CA LEU B 179 12.99 18.26 29.49
C LEU B 179 12.25 19.54 29.85
N ASN B 180 11.54 20.08 28.88
CA ASN B 180 10.71 21.26 29.03
C ASN B 180 9.28 20.75 28.80
N ILE B 181 8.40 20.89 29.79
CA ILE B 181 7.01 20.41 29.68
C ILE B 181 6.08 21.61 29.38
N ILE B 182 5.35 21.52 28.28
CA ILE B 182 4.45 22.58 27.84
C ILE B 182 2.99 22.26 28.17
N SER B 183 2.39 23.11 28.99
CA SER B 183 1.02 22.95 29.43
C SER B 183 0.05 22.77 28.27
N GLU B 184 -0.95 21.93 28.47
CA GLU B 184 -1.97 21.67 27.45
C GLU B 184 -3.12 22.64 27.57
N SER B 185 -3.04 23.56 28.52
CA SER B 185 -4.07 24.55 28.74
C SER B 185 -4.17 25.54 27.57
N GLU B 186 -5.39 25.95 27.26
CA GLU B 186 -5.66 26.89 26.18
C GLU B 186 -4.99 28.24 26.39
N VAL B 187 -4.74 28.56 27.65
CA VAL B 187 -4.11 29.80 28.05
C VAL B 187 -2.74 29.99 27.36
N MET B 188 -2.17 28.88 26.88
CA MET B 188 -0.89 28.90 26.17
C MET B 188 -1.04 29.44 24.74
N GLY B 189 -2.28 29.52 24.25
CA GLY B 189 -2.53 30.00 22.90
C GLY B 189 -1.73 29.22 21.86
N ALA B 190 -0.96 29.91 21.04
CA ALA B 190 -0.16 29.25 20.02
C ALA B 190 1.16 28.72 20.56
N ASP B 191 1.54 29.12 21.77
CA ASP B 191 2.81 28.68 22.35
C ASP B 191 2.48 27.32 22.98
N SER B 192 2.14 26.37 22.11
CA SER B 192 1.67 25.08 22.57
C SER B 192 1.96 23.92 21.62
N LEU B 193 2.01 22.71 22.17
CA LEU B 193 2.22 21.48 21.38
C LEU B 193 0.84 20.86 21.15
N THR B 194 -0.17 21.42 21.80
CA THR B 194 -1.55 20.95 21.73
C THR B 194 -2.52 22.16 21.65
N PRO B 195 -2.43 22.98 20.58
CA PRO B 195 -3.30 24.15 20.45
C PRO B 195 -4.80 23.82 20.56
N THR B 196 -5.55 24.75 21.17
CA THR B 196 -6.99 24.63 21.36
C THR B 196 -7.72 25.40 20.27
N CYS B 197 -8.91 24.94 19.92
CA CYS B 197 -9.74 25.57 18.90
C CYS B 197 -11.19 25.45 19.39
N ASP B 198 -11.85 26.58 19.67
CA ASP B 198 -13.24 26.53 20.17
C ASP B 198 -14.17 25.83 19.16
N THR B 199 -15.18 25.14 19.65
CA THR B 199 -16.10 24.42 18.77
C THR B 199 -17.41 25.12 18.39
N ASP B 200 -17.35 26.41 18.09
CA ASP B 200 -18.56 27.10 17.68
C ASP B 200 -18.64 26.87 16.16
N ASN B 201 -19.27 25.75 15.78
CA ASN B 201 -19.42 25.38 14.37
C ASN B 201 -20.10 24.02 14.19
N THR B 204 -19.04 18.12 14.41
CA THR B 204 -20.44 17.77 14.11
C THR B 204 -20.62 16.37 13.49
N THR B 205 -20.00 16.06 12.35
CA THR B 205 -20.11 14.70 11.80
C THR B 205 -19.42 13.78 12.83
N CYS B 206 -18.36 14.31 13.44
CA CYS B 206 -17.60 13.61 14.45
C CYS B 206 -18.48 13.18 15.64
N ASP B 207 -19.37 14.06 16.04
CA ASP B 207 -20.26 13.79 17.16
C ASP B 207 -21.32 12.75 16.82
N ASN B 208 -21.63 12.61 15.54
CA ASN B 208 -22.63 11.66 15.08
C ASN B 208 -22.14 10.31 14.57
N LEU B 209 -20.84 10.03 14.71
CA LEU B 209 -20.29 8.76 14.25
C LEU B 209 -20.94 7.61 15.01
N THR B 210 -21.31 6.55 14.31
CA THR B 210 -21.96 5.40 14.93
C THR B 210 -20.99 4.34 15.43
N TYR B 211 -19.79 4.31 14.86
CA TYR B 211 -18.79 3.30 15.23
C TYR B 211 -19.34 1.91 14.90
N GLN B 212 -20.14 1.84 13.85
CA GLN B 212 -20.72 0.58 13.43
C GLN B 212 -20.61 0.41 11.93
N LEU B 213 -20.45 -0.84 11.51
CA LEU B 213 -20.41 -1.26 10.11
C LEU B 213 -20.99 -2.68 10.16
N PRO B 214 -21.64 -3.13 9.08
CA PRO B 214 -22.25 -4.45 8.97
C PRO B 214 -21.46 -5.63 9.48
N GLN B 215 -20.14 -5.66 9.25
CA GLN B 215 -19.35 -6.81 9.71
C GLN B 215 -19.47 -7.09 11.20
N PHE B 216 -19.75 -6.04 11.98
CA PHE B 216 -19.90 -6.22 13.44
C PHE B 216 -21.10 -7.12 13.77
N LYS B 217 -22.12 -7.09 12.91
CA LYS B 217 -23.31 -7.93 13.06
C LYS B 217 -22.93 -9.40 12.87
N VAL B 218 -22.03 -9.68 11.93
CA VAL B 218 -21.58 -11.05 11.66
C VAL B 218 -20.82 -11.58 12.86
N ALA B 219 -19.99 -10.72 13.45
CA ALA B 219 -19.19 -11.10 14.62
C ALA B 219 -20.09 -11.43 15.81
N ALA B 220 -21.02 -10.52 16.11
CA ALA B 220 -21.97 -10.68 17.21
C ALA B 220 -22.73 -12.01 17.05
N ALA B 221 -23.24 -12.25 15.84
CA ALA B 221 -23.97 -13.47 15.54
C ALA B 221 -23.11 -14.71 15.74
N ARG B 222 -21.88 -14.66 15.26
CA ARG B 222 -21.00 -15.81 15.42
C ARG B 222 -20.61 -16.07 16.88
N LEU B 223 -20.32 -14.99 17.63
CA LEU B 223 -19.91 -15.15 19.01
C LEU B 223 -21.06 -15.71 19.87
N ASN B 224 -22.26 -15.15 19.70
CA ASN B 224 -23.45 -15.59 20.45
C ASN B 224 -23.80 -17.04 20.17
N SER B 225 -23.61 -17.45 18.93
CA SER B 225 -23.87 -18.82 18.53
C SER B 225 -22.88 -19.82 19.17
N GLN B 226 -21.61 -19.45 19.31
CA GLN B 226 -20.62 -20.36 19.90
C GLN B 226 -20.72 -20.50 21.42
N ASN B 227 -21.18 -19.43 22.08
CA ASN B 227 -21.34 -19.42 23.53
C ASN B 227 -22.59 -18.63 23.80
N PRO B 228 -23.76 -19.29 23.74
CA PRO B 228 -25.09 -18.69 23.97
C PRO B 228 -25.29 -18.11 25.37
N GLY B 229 -26.04 -17.01 25.44
CA GLY B 229 -26.29 -16.42 26.75
C GLY B 229 -25.61 -15.10 27.04
N MET B 230 -24.72 -14.65 26.16
CA MET B 230 -24.01 -13.38 26.37
C MET B 230 -24.82 -12.18 25.85
N ASN B 231 -25.68 -12.46 24.86
CA ASN B 231 -26.50 -11.42 24.24
C ASN B 231 -25.60 -10.27 23.76
N LEU B 232 -24.48 -10.59 23.12
CA LEU B 232 -23.57 -9.55 22.63
C LEU B 232 -24.19 -8.86 21.44
N THR B 233 -24.05 -7.54 21.37
CA THR B 233 -24.58 -6.76 20.25
C THR B 233 -23.43 -6.31 19.36
N ALA B 234 -23.76 -5.60 18.28
CA ALA B 234 -22.75 -5.08 17.37
C ALA B 234 -21.86 -4.06 18.12
N SER B 235 -22.43 -3.40 19.12
CA SER B 235 -21.70 -2.44 19.94
C SER B 235 -20.73 -3.16 20.85
N ASP B 236 -21.17 -4.27 21.43
CA ASP B 236 -20.29 -5.02 22.33
C ASP B 236 -19.10 -5.48 21.54
N VAL B 237 -19.35 -5.88 20.29
CA VAL B 237 -18.30 -6.34 19.40
C VAL B 237 -17.28 -5.22 19.18
N TYR B 238 -17.77 -4.02 18.92
CA TYR B 238 -16.90 -2.87 18.72
C TYR B 238 -15.96 -2.69 19.92
N ASN B 239 -16.53 -2.71 21.12
CA ASN B 239 -15.73 -2.54 22.33
C ASN B 239 -14.81 -3.70 22.64
N LEU B 240 -15.22 -4.89 22.23
CA LEU B 240 -14.41 -6.06 22.47
C LEU B 240 -13.21 -6.00 21.53
N MET B 241 -13.41 -5.38 20.37
CA MET B 241 -12.32 -5.23 19.40
C MET B 241 -11.38 -4.09 19.87
N VAL B 242 -11.97 -3.05 20.47
CA VAL B 242 -11.18 -1.96 21.04
C VAL B 242 -10.27 -2.62 22.06
N MET B 243 -10.86 -3.46 22.91
CA MET B 243 -10.12 -4.18 23.93
C MET B 243 -9.01 -5.06 23.37
N ALA B 244 -9.33 -5.85 22.35
CA ALA B 244 -8.35 -6.74 21.74
C ALA B 244 -7.17 -5.96 21.16
N SER B 245 -7.44 -4.84 20.50
CA SER B 245 -6.36 -4.05 19.91
C SER B 245 -5.41 -3.48 20.98
N PHE B 246 -5.97 -3.06 22.10
CA PHE B 246 -5.20 -2.51 23.23
C PHE B 246 -4.42 -3.58 23.99
N GLU B 247 -4.85 -4.83 23.88
CA GLU B 247 -4.18 -5.92 24.59
C GLU B 247 -2.71 -6.05 24.20
N LEU B 248 -2.42 -5.92 22.91
CA LEU B 248 -1.05 -6.03 22.40
C LEU B 248 -0.15 -5.01 23.08
N ASN B 249 -0.72 -3.87 23.47
CA ASN B 249 0.05 -2.83 24.16
C ASN B 249 0.66 -3.31 25.50
N ALA B 250 0.10 -4.37 26.07
CA ALA B 250 0.60 -4.93 27.34
C ALA B 250 1.09 -6.36 27.23
N ARG B 251 0.74 -7.04 26.14
CA ARG B 251 1.12 -8.44 25.96
C ARG B 251 1.64 -8.75 24.55
N PRO B 252 2.47 -9.78 24.41
CA PRO B 252 3.02 -10.15 23.10
C PRO B 252 2.00 -10.70 22.09
N PHE B 253 0.97 -11.39 22.57
CA PHE B 253 -0.05 -11.99 21.69
C PHE B 253 -1.42 -11.65 22.31
N SER B 254 -2.47 -11.63 21.49
CA SER B 254 -3.81 -11.43 21.99
C SER B 254 -4.74 -12.48 21.32
N ASN B 255 -5.29 -13.40 22.10
CA ASN B 255 -6.21 -14.39 21.55
C ASN B 255 -7.53 -13.77 21.15
N TRP B 256 -7.88 -12.65 21.76
CA TRP B 256 -9.12 -11.97 21.40
C TRP B 256 -9.08 -11.49 19.96
N ILE B 257 -7.89 -11.18 19.46
CA ILE B 257 -7.76 -10.72 18.09
C ILE B 257 -8.21 -11.82 17.17
N ASN B 258 -7.87 -13.05 17.56
CA ASN B 258 -8.22 -14.24 16.79
C ASN B 258 -9.71 -14.62 16.79
N ALA B 259 -10.49 -14.05 17.70
CA ALA B 259 -11.92 -14.34 17.79
C ALA B 259 -12.72 -13.60 16.73
N PHE B 260 -12.08 -12.66 16.04
CA PHE B 260 -12.74 -11.89 15.00
C PHE B 260 -12.06 -12.25 13.67
N THR B 261 -12.79 -12.09 12.59
CA THR B 261 -12.27 -12.42 11.28
C THR B 261 -11.45 -11.28 10.70
N GLN B 262 -10.73 -11.59 9.64
CA GLN B 262 -9.91 -10.65 8.90
C GLN B 262 -10.83 -9.54 8.39
N ASP B 263 -12.00 -9.92 7.88
CA ASP B 263 -12.93 -8.93 7.36
C ASP B 263 -13.53 -8.02 8.43
N GLU B 264 -13.64 -8.54 9.65
CA GLU B 264 -14.16 -7.76 10.77
C GLU B 264 -13.14 -6.69 11.18
N TRP B 265 -11.88 -7.12 11.25
CA TRP B 265 -10.79 -6.22 11.56
C TRP B 265 -10.67 -5.12 10.49
N VAL B 266 -10.85 -5.46 9.22
CA VAL B 266 -10.78 -4.47 8.16
C VAL B 266 -11.82 -3.38 8.42
N SER B 267 -13.01 -3.78 8.87
CA SER B 267 -14.09 -2.84 9.18
C SER B 267 -13.79 -2.02 10.43
N PHE B 268 -13.25 -2.67 11.45
CA PHE B 268 -12.88 -1.99 12.68
C PHE B 268 -11.85 -0.88 12.38
N GLY B 269 -10.77 -1.24 11.69
CA GLY B 269 -9.75 -0.26 11.35
C GLY B 269 -10.35 0.95 10.68
N TYR B 270 -11.32 0.71 9.79
CA TYR B 270 -11.99 1.80 9.06
C TYR B 270 -12.89 2.66 9.97
N VAL B 271 -13.54 2.02 10.93
CA VAL B 271 -14.39 2.74 11.86
C VAL B 271 -13.48 3.71 12.64
N GLU B 272 -12.28 3.25 13.01
CA GLU B 272 -11.31 4.08 13.71
C GLU B 272 -10.76 5.19 12.81
N ASP B 273 -10.56 4.91 11.53
CA ASP B 273 -10.07 5.92 10.58
C ASP B 273 -11.07 7.07 10.52
N LEU B 274 -12.36 6.75 10.52
CA LEU B 274 -13.43 7.74 10.44
C LEU B 274 -13.38 8.69 11.63
N ASN B 275 -13.08 8.16 12.81
CA ASN B 275 -12.98 8.98 14.00
C ASN B 275 -11.91 10.06 13.79
N TYR B 276 -10.70 9.64 13.44
CA TYR B 276 -9.61 10.59 13.21
C TYR B 276 -9.93 11.54 12.08
N TYR B 277 -10.45 11.02 10.99
CA TYR B 277 -10.74 11.87 9.85
C TYR B 277 -11.62 13.02 10.21
N TYR B 278 -12.71 12.73 10.91
CA TYR B 278 -13.70 13.75 11.27
C TYR B 278 -13.51 14.50 12.56
N CYS B 279 -12.86 13.89 13.55
CA CYS B 279 -12.64 14.54 14.82
C CYS B 279 -11.31 15.25 14.94
N ALA B 280 -10.31 14.79 14.20
CA ALA B 280 -8.96 15.35 14.26
C ALA B 280 -8.27 15.40 12.91
N GLY B 281 -9.03 15.48 11.82
CA GLY B 281 -8.42 15.45 10.51
C GLY B 281 -9.10 16.32 9.48
N PRO B 282 -8.82 16.09 8.19
CA PRO B 282 -9.40 16.88 7.09
C PRO B 282 -10.91 16.94 7.07
N GLY B 283 -11.57 16.06 7.82
CA GLY B 283 -13.02 16.04 7.86
C GLY B 283 -13.56 17.19 8.65
N ASP B 284 -12.69 17.82 9.42
CA ASP B 284 -13.02 18.98 10.23
C ASP B 284 -12.14 20.07 9.61
N LYS B 285 -12.76 21.08 9.00
CA LYS B 285 -12.03 22.15 8.34
C LYS B 285 -11.14 23.04 9.23
N ASN B 286 -11.30 23.00 10.56
CA ASN B 286 -10.48 23.80 11.46
C ASN B 286 -9.17 23.15 11.83
N MET B 287 -9.02 21.86 11.53
CA MET B 287 -7.80 21.15 11.89
C MET B 287 -6.53 21.65 11.19
N ALA B 288 -6.66 22.12 9.96
CA ALA B 288 -5.50 22.65 9.26
C ALA B 288 -4.95 23.89 9.98
N ALA B 289 -5.85 24.74 10.49
CA ALA B 289 -5.45 25.94 11.22
C ALA B 289 -4.73 25.57 12.52
N VAL B 290 -5.24 24.55 13.21
CA VAL B 290 -4.61 24.08 14.46
C VAL B 290 -3.22 23.54 14.16
N GLY B 291 -3.10 22.79 13.07
CA GLY B 291 -1.81 22.24 12.69
C GLY B 291 -0.84 23.26 12.10
N ALA B 292 -1.36 24.41 11.65
CA ALA B 292 -0.52 25.47 11.08
C ALA B 292 0.48 26.04 12.10
N VAL B 293 0.15 25.96 13.39
CA VAL B 293 1.03 26.46 14.45
C VAL B 293 2.38 25.76 14.34
N TYR B 294 2.36 24.44 14.40
CA TYR B 294 3.57 23.63 14.32
C TYR B 294 4.21 23.71 12.96
N ALA B 295 3.41 23.60 11.92
CA ALA B 295 3.93 23.65 10.56
C ALA B 295 4.70 24.95 10.29
N ASN B 296 4.14 26.08 10.71
CA ASN B 296 4.75 27.38 10.51
C ASN B 296 5.96 27.64 11.39
N ALA B 297 5.86 27.26 12.66
CA ALA B 297 6.95 27.43 13.61
C ALA B 297 8.16 26.61 13.21
N SER B 298 7.92 25.38 12.75
CA SER B 298 9.02 24.50 12.31
C SER B 298 9.63 25.03 11.01
N LEU B 299 8.81 25.64 10.16
CA LEU B 299 9.28 26.24 8.92
C LEU B 299 10.29 27.34 9.30
N THR B 300 9.97 28.08 10.36
CA THR B 300 10.86 29.13 10.87
C THR B 300 12.22 28.56 11.28
N LEU B 301 12.22 27.44 11.98
CA LEU B 301 13.46 26.79 12.40
C LEU B 301 14.26 26.34 11.19
N LEU B 302 13.58 25.84 10.15
CA LEU B 302 14.25 25.34 8.95
C LEU B 302 14.95 26.48 8.21
N ASN B 303 14.24 27.59 8.10
CA ASN B 303 14.77 28.76 7.44
C ASN B 303 15.88 29.45 8.23
N GLN B 304 15.80 29.40 9.55
CA GLN B 304 16.79 29.98 10.44
C GLN B 304 18.07 29.14 10.35
N GLY B 305 17.91 27.82 10.29
CA GLY B 305 19.08 26.96 10.17
C GLY B 305 19.59 26.38 11.46
N PRO B 306 20.29 25.22 11.40
CA PRO B 306 20.84 24.55 12.58
C PRO B 306 21.88 25.34 13.35
N LYS B 307 22.74 26.04 12.64
CA LYS B 307 23.81 26.80 13.27
C LYS B 307 23.21 27.84 14.22
N GLU B 308 22.19 28.52 13.78
CA GLU B 308 21.56 29.50 14.64
C GLU B 308 20.53 28.93 15.62
N ALA B 309 19.52 28.21 15.11
CA ALA B 309 18.45 27.65 15.93
C ALA B 309 18.71 26.36 16.73
N GLY B 310 19.64 25.55 16.29
CA GLY B 310 19.87 24.29 16.94
C GLY B 310 19.57 23.20 15.91
N SER B 311 20.16 22.02 16.09
CA SER B 311 19.95 20.93 15.14
C SER B 311 19.00 19.82 15.52
N LEU B 312 18.60 19.73 16.80
CA LEU B 312 17.71 18.65 17.24
C LEU B 312 16.50 19.13 18.02
N PHE B 313 15.30 18.85 17.51
CA PHE B 313 14.08 19.24 18.19
C PHE B 313 13.17 18.06 18.38
N PHE B 314 13.25 17.45 19.55
CA PHE B 314 12.43 16.29 19.86
C PHE B 314 11.21 16.71 20.64
N ASN B 315 10.04 16.55 20.02
CA ASN B 315 8.75 16.92 20.59
C ASN B 315 7.87 15.70 20.82
N PHE B 316 7.05 15.75 21.87
CA PHE B 316 6.18 14.65 22.22
C PHE B 316 4.79 15.21 22.53
N ALA B 317 3.76 14.61 21.92
CA ALA B 317 2.38 15.02 22.08
C ALA B 317 1.42 13.83 21.82
N HIS B 318 0.24 14.12 21.29
CA HIS B 318 -0.77 13.08 21.01
C HIS B 318 -0.99 12.84 19.52
N ASP B 319 -1.66 11.72 19.23
CA ASP B 319 -2.06 11.34 17.88
C ASP B 319 -2.88 12.49 17.28
N THR B 320 -3.79 13.05 18.08
CA THR B 320 -4.66 14.14 17.65
C THR B 320 -3.95 15.49 17.51
N ASN B 321 -2.64 15.50 17.72
CA ASN B 321 -1.83 16.71 17.55
C ASN B 321 -1.03 16.58 16.25
N ILE B 322 -0.79 15.34 15.83
CA ILE B 322 -0.07 15.07 14.59
C ILE B 322 -0.99 15.10 13.37
N THR B 323 -2.19 14.57 13.48
CA THR B 323 -3.12 14.58 12.35
C THR B 323 -3.46 16.00 11.86
N PRO B 324 -3.57 17.01 12.78
CA PRO B 324 -3.87 18.36 12.25
C PRO B 324 -2.66 18.93 11.49
N ILE B 325 -1.45 18.50 11.84
CA ILE B 325 -0.24 18.98 11.15
C ILE B 325 -0.23 18.46 9.72
N LEU B 326 -0.56 17.16 9.55
CA LEU B 326 -0.62 16.53 8.24
C LEU B 326 -1.70 17.24 7.43
N ALA B 327 -2.83 17.57 8.06
CA ALA B 327 -3.92 18.30 7.39
C ALA B 327 -3.44 19.68 6.95
N ALA B 328 -2.71 20.36 7.84
CA ALA B 328 -2.17 21.70 7.57
C ALA B 328 -1.21 21.68 6.38
N LEU B 329 -0.37 20.64 6.31
CA LEU B 329 0.60 20.46 5.23
C LEU B 329 -0.06 20.00 3.91
N GLY B 330 -1.34 19.58 3.97
CA GLY B 330 -2.04 19.14 2.78
C GLY B 330 -1.57 17.79 2.25
N VAL B 331 -1.03 16.92 3.11
CA VAL B 331 -0.60 15.58 2.70
C VAL B 331 -1.60 14.54 3.23
N LEU B 332 -1.72 13.43 2.50
CA LEU B 332 -2.65 12.35 2.86
C LEU B 332 -4.09 12.87 2.99
N ILE B 333 -4.53 13.65 2.00
CA ILE B 333 -5.87 14.22 2.01
C ILE B 333 -6.76 13.40 1.07
N PRO B 334 -7.77 12.68 1.61
CA PRO B 334 -8.63 11.90 0.72
C PRO B 334 -9.25 12.85 -0.29
N ASN B 335 -9.49 12.34 -1.50
CA ASN B 335 -10.11 13.15 -2.53
C ASN B 335 -11.50 13.64 -2.17
N GLU B 336 -12.16 12.93 -1.27
CA GLU B 336 -13.49 13.27 -0.82
C GLU B 336 -13.60 12.78 0.60
N ASP B 337 -14.51 13.36 1.36
CA ASP B 337 -14.73 12.93 2.73
C ASP B 337 -15.07 11.45 2.74
N LEU B 338 -14.52 10.73 3.71
CA LEU B 338 -14.77 9.30 3.82
C LEU B 338 -16.24 8.97 4.08
N PRO B 339 -16.82 8.01 3.32
CA PRO B 339 -18.24 7.62 3.53
C PRO B 339 -18.37 6.98 4.90
N LEU B 340 -19.48 7.23 5.58
CA LEU B 340 -19.69 6.67 6.92
C LEU B 340 -20.25 5.25 6.97
N ASP B 341 -20.91 4.82 5.89
CA ASP B 341 -21.58 3.53 5.84
C ASP B 341 -20.90 2.36 5.14
N ARG B 342 -19.71 2.58 4.59
CA ARG B 342 -18.98 1.52 3.92
C ARG B 342 -17.50 1.86 3.94
N VAL B 343 -16.67 0.84 3.72
CA VAL B 343 -15.22 1.03 3.67
C VAL B 343 -14.81 1.59 2.31
N ALA B 344 -14.17 2.77 2.32
CA ALA B 344 -13.70 3.38 1.07
C ALA B 344 -12.29 2.85 0.88
N PHE B 345 -12.19 1.65 0.32
CA PHE B 345 -10.91 0.99 0.11
C PHE B 345 -9.90 1.77 -0.70
N GLY B 346 -8.67 1.83 -0.20
CA GLY B 346 -7.61 2.52 -0.90
C GLY B 346 -7.45 3.99 -0.63
N ASN B 347 -8.33 4.60 0.17
CA ASN B 347 -8.19 6.01 0.48
C ASN B 347 -6.89 6.14 1.31
N PRO B 348 -6.21 7.30 1.20
CA PRO B 348 -4.95 7.51 1.94
C PRO B 348 -5.04 7.60 3.46
N TYR B 349 -6.24 7.80 3.98
CA TYR B 349 -6.43 7.94 5.42
C TYR B 349 -6.50 6.66 6.22
N SER B 350 -5.41 5.91 6.15
CA SER B 350 -5.29 4.63 6.85
C SER B 350 -4.48 4.91 8.12
N ILE B 351 -5.16 5.16 9.23
CA ILE B 351 -4.51 5.52 10.50
C ILE B 351 -3.37 4.65 11.00
N GLY B 352 -3.36 3.37 10.64
CA GLY B 352 -2.27 2.50 11.06
C GLY B 352 -0.96 2.88 10.39
N ASN B 353 -1.07 3.71 9.33
CA ASN B 353 0.09 4.21 8.60
C ASN B 353 0.33 5.71 8.86
N ILE B 354 -0.42 6.26 9.81
CA ILE B 354 -0.33 7.67 10.15
C ILE B 354 -0.02 7.86 11.65
N VAL B 355 -0.96 7.49 12.53
CA VAL B 355 -0.70 7.61 13.94
C VAL B 355 -0.95 6.41 14.83
N PRO B 356 -0.15 5.32 14.67
CA PRO B 356 -0.37 4.16 15.54
C PRO B 356 0.27 4.59 16.87
N MET B 357 0.22 3.74 17.90
CA MET B 357 0.84 4.11 19.16
C MET B 357 2.33 4.42 18.86
N GLY B 358 2.83 5.52 19.43
CA GLY B 358 4.22 5.90 19.21
C GLY B 358 4.56 6.44 17.83
N GLY B 359 3.54 6.69 17.01
CA GLY B 359 3.74 7.21 15.67
C GLY B 359 4.48 8.52 15.70
N HIS B 360 5.05 8.95 14.58
CA HIS B 360 5.82 10.19 14.55
C HIS B 360 6.08 10.78 13.19
N LEU B 361 6.14 12.10 13.15
CA LEU B 361 6.44 12.85 11.95
C LEU B 361 7.79 13.53 12.19
N THR B 362 8.75 13.16 11.35
CA THR B 362 10.10 13.69 11.42
C THR B 362 10.43 14.54 10.16
N ILE B 363 10.79 15.80 10.37
CA ILE B 363 11.18 16.69 9.29
C ILE B 363 12.72 16.74 9.30
N GLU B 364 13.33 16.29 8.22
CA GLU B 364 14.78 16.32 8.08
C GLU B 364 15.15 17.45 7.14
N ARG B 365 16.11 18.29 7.53
CA ARG B 365 16.59 19.35 6.66
C ARG B 365 17.85 18.76 6.04
N LEU B 366 17.88 18.72 4.71
CA LEU B 366 19.01 18.14 4.02
C LEU B 366 19.90 19.21 3.41
N SER B 367 21.19 19.05 3.64
CA SER B 367 22.17 19.96 3.09
C SER B 367 22.79 19.13 1.97
N CYS B 368 22.50 19.51 0.73
CA CYS B 368 22.99 18.77 -0.41
C CYS B 368 23.92 19.51 -1.34
N GLN B 369 24.90 18.78 -1.86
CA GLN B 369 25.79 19.32 -2.86
C GLN B 369 24.98 19.21 -4.17
N ALA B 370 25.52 19.70 -5.29
CA ALA B 370 24.75 19.58 -6.54
C ALA B 370 24.76 18.13 -7.01
N THR B 371 23.65 17.73 -7.63
CA THR B 371 23.51 16.38 -8.18
C THR B 371 23.07 16.59 -9.61
N ALA B 372 23.06 15.52 -10.40
CA ALA B 372 22.66 15.60 -11.79
C ALA B 372 21.24 16.14 -11.96
N LEU B 373 20.47 16.20 -10.88
CA LEU B 373 19.09 16.69 -10.97
C LEU B 373 18.77 17.89 -10.09
N SER B 374 19.76 18.40 -9.36
CA SER B 374 19.50 19.51 -8.47
C SER B 374 20.72 20.35 -8.15
N ASP B 375 20.44 21.59 -7.77
CA ASP B 375 21.48 22.55 -7.37
C ASP B 375 21.87 22.30 -5.95
N GLU B 376 23.07 22.76 -5.62
CA GLU B 376 23.61 22.68 -4.28
C GLU B 376 22.64 23.46 -3.41
N GLY B 377 22.27 22.95 -2.25
CA GLY B 377 21.31 23.70 -1.46
C GLY B 377 20.65 22.93 -0.34
N THR B 378 19.63 23.56 0.23
CA THR B 378 18.88 23.01 1.34
C THR B 378 17.54 22.46 0.87
N TYR B 379 17.26 21.24 1.31
CA TYR B 379 16.03 20.57 0.94
C TYR B 379 15.30 20.07 2.18
N VAL B 380 14.00 19.86 2.03
CA VAL B 380 13.14 19.40 3.12
C VAL B 380 12.57 18.02 2.81
N ARG B 381 12.77 17.09 3.74
CA ARG B 381 12.29 15.72 3.62
C ARG B 381 11.38 15.40 4.81
N LEU B 382 10.24 14.78 4.54
CA LEU B 382 9.29 14.39 5.58
C LEU B 382 9.31 12.87 5.70
N VAL B 383 9.38 12.38 6.94
CA VAL B 383 9.39 10.95 7.21
C VAL B 383 8.28 10.68 8.21
N LEU B 384 7.33 9.83 7.83
CA LEU B 384 6.21 9.47 8.70
C LEU B 384 6.39 7.98 9.03
N ASN B 385 6.60 7.69 10.30
CA ASN B 385 6.80 6.33 10.77
C ASN B 385 7.80 5.53 9.95
N GLU B 386 8.99 6.11 9.75
CA GLU B 386 10.09 5.50 9.00
C GLU B 386 9.96 5.42 7.50
N ALA B 387 8.92 6.04 6.94
CA ALA B 387 8.72 6.02 5.50
C ALA B 387 8.78 7.43 4.98
N VAL B 388 9.61 7.65 3.96
CA VAL B 388 9.70 8.98 3.36
C VAL B 388 8.35 9.33 2.76
N LEU B 389 7.84 10.49 3.12
CA LEU B 389 6.56 10.97 2.63
C LEU B 389 6.81 12.18 1.73
N PRO B 390 6.72 11.97 0.40
CA PRO B 390 6.93 13.02 -0.61
C PRO B 390 5.93 14.16 -0.41
N PHE B 391 6.41 15.40 -0.51
CA PHE B 391 5.55 16.55 -0.32
C PHE B 391 4.75 16.86 -1.58
N ASN B 392 3.78 16.00 -1.86
CA ASN B 392 2.89 16.14 -3.03
C ASN B 392 3.65 16.34 -4.32
N ASP B 393 3.41 17.45 -5.01
CA ASP B 393 4.12 17.69 -6.26
C ASP B 393 5.49 18.35 -6.14
N CYS B 394 5.93 18.66 -4.93
CA CYS B 394 7.25 19.26 -4.77
C CYS B 394 8.21 18.14 -4.47
N THR B 395 8.73 17.53 -5.54
CA THR B 395 9.66 16.41 -5.40
C THR B 395 10.89 16.54 -6.30
N SER B 396 11.33 17.78 -6.53
CA SER B 396 12.48 18.06 -7.41
C SER B 396 13.87 17.88 -6.82
N GLY B 397 13.99 17.85 -5.49
CA GLY B 397 15.30 17.70 -4.88
C GLY B 397 15.74 16.26 -4.80
N PRO B 398 16.95 15.97 -4.27
CA PRO B 398 17.44 14.60 -4.14
C PRO B 398 16.46 13.81 -3.28
N GLY B 399 16.32 12.51 -3.54
CA GLY B 399 15.41 11.65 -2.80
C GLY B 399 13.96 12.17 -2.77
N TYR B 400 13.53 12.80 -3.87
CA TYR B 400 12.17 13.34 -3.99
C TYR B 400 11.84 14.39 -2.91
N SER B 401 12.86 15.14 -2.48
CA SER B 401 12.68 16.18 -1.47
C SER B 401 12.18 17.47 -2.07
N CYS B 402 11.94 18.47 -1.23
CA CYS B 402 11.41 19.74 -1.70
C CYS B 402 12.42 20.84 -1.40
N PRO B 403 12.79 21.66 -2.41
CA PRO B 403 13.75 22.74 -2.15
C PRO B 403 13.19 23.62 -1.03
N LEU B 404 14.03 23.99 -0.05
CA LEU B 404 13.55 24.80 1.06
C LEU B 404 12.74 26.03 0.63
N ALA B 405 13.19 26.71 -0.41
CA ALA B 405 12.50 27.90 -0.91
C ALA B 405 11.08 27.61 -1.35
N ASN B 406 10.89 26.50 -2.06
CA ASN B 406 9.54 26.08 -2.52
C ASN B 406 8.70 25.66 -1.32
N TYR B 407 9.32 24.90 -0.42
CA TYR B 407 8.64 24.44 0.77
C TYR B 407 8.08 25.66 1.49
N THR B 408 8.93 26.70 1.58
CA THR B 408 8.55 27.95 2.23
C THR B 408 7.37 28.62 1.53
N SER B 409 7.43 28.76 0.20
CA SER B 409 6.32 29.39 -0.51
C SER B 409 5.01 28.62 -0.34
N ILE B 410 5.10 27.29 -0.43
CA ILE B 410 3.92 26.44 -0.31
C ILE B 410 3.25 26.61 1.05
N LEU B 411 4.01 26.50 2.14
CA LEU B 411 3.41 26.70 3.46
C LEU B 411 2.89 28.14 3.63
N ASN B 412 3.70 29.13 3.24
CA ASN B 412 3.29 30.54 3.35
C ASN B 412 1.98 30.79 2.60
N LYS B 413 1.86 30.20 1.42
CA LYS B 413 0.67 30.35 0.61
C LYS B 413 -0.53 29.55 1.08
N ASN B 414 -0.31 28.38 1.65
CA ASN B 414 -1.42 27.53 2.04
C ASN B 414 -1.85 27.35 3.51
N LEU B 415 -0.97 27.63 4.47
CA LEU B 415 -1.32 27.44 5.87
C LEU B 415 -2.39 28.45 6.34
N PRO B 416 -3.47 27.95 6.96
CA PRO B 416 -4.53 28.84 7.46
C PRO B 416 -4.00 29.57 8.68
N ASP B 417 -4.72 30.61 9.11
CA ASP B 417 -4.30 31.36 10.29
C ASP B 417 -4.94 30.74 11.51
N TYR B 418 -4.12 30.39 12.48
CA TYR B 418 -4.62 29.76 13.69
C TYR B 418 -5.48 30.62 14.61
N THR B 419 -4.93 31.72 15.13
CA THR B 419 -5.68 32.57 16.06
C THR B 419 -7.01 33.06 15.50
N THR B 420 -7.02 33.47 14.23
CA THR B 420 -8.23 33.93 13.58
C THR B 420 -9.25 32.82 13.49
N THR B 421 -8.87 31.75 12.81
CA THR B 421 -9.75 30.61 12.60
C THR B 421 -10.28 30.08 13.90
N CYS B 422 -9.40 29.91 14.88
CA CYS B 422 -9.76 29.34 16.16
C CYS B 422 -10.24 30.30 17.26
N ASN B 423 -10.50 31.56 16.90
CA ASN B 423 -10.95 32.63 17.80
C ASN B 423 -10.15 32.62 19.09
N VAL B 424 -8.84 32.68 18.97
CA VAL B 424 -7.97 32.67 20.14
C VAL B 424 -7.93 34.05 20.81
N SER B 425 -8.18 34.11 22.11
CA SER B 425 -8.17 35.37 22.84
C SER B 425 -6.88 36.15 22.57
N ALA B 426 -7.03 37.45 22.36
CA ALA B 426 -5.89 38.32 22.07
C ALA B 426 -4.92 38.36 23.24
N SER B 427 -5.40 37.98 24.42
CA SER B 427 -4.59 37.96 25.62
C SER B 427 -3.73 36.71 25.81
N TYR B 428 -3.84 35.75 24.89
CA TYR B 428 -3.05 34.52 24.95
C TYR B 428 -1.86 34.64 23.99
N PRO B 429 -0.81 33.83 24.19
CA PRO B 429 0.36 33.91 23.29
C PRO B 429 -0.11 33.69 21.85
N GLN B 430 0.29 34.58 20.96
CA GLN B 430 -0.11 34.48 19.57
C GLN B 430 0.95 33.77 18.75
N TYR B 431 2.05 33.40 19.39
CA TYR B 431 3.18 32.75 18.70
C TYR B 431 3.80 31.67 19.53
N LEU B 432 4.33 30.64 18.87
CA LEU B 432 5.02 29.56 19.57
C LEU B 432 6.43 30.09 19.85
N SER B 433 6.90 29.90 21.07
CA SER B 433 8.20 30.42 21.45
C SER B 433 9.08 29.40 22.11
N PHE B 434 8.49 28.34 22.68
CA PHE B 434 9.33 27.38 23.39
C PHE B 434 10.55 26.81 22.69
N TRP B 435 10.54 26.78 21.36
CA TRP B 435 11.72 26.26 20.67
C TRP B 435 12.89 27.22 20.77
N TRP B 436 12.60 28.49 21.07
CA TRP B 436 13.64 29.50 21.22
C TRP B 436 13.81 29.96 22.69
N ASN B 437 12.75 29.90 23.47
CA ASN B 437 12.78 30.32 24.88
C ASN B 437 12.49 29.09 25.74
N TYR B 438 13.54 28.47 26.26
CA TYR B 438 13.39 27.28 27.07
C TYR B 438 14.41 27.25 28.19
N ASN B 439 14.32 26.23 29.05
CA ASN B 439 15.24 26.05 30.17
C ASN B 439 16.18 24.92 29.85
N THR B 440 17.33 24.91 30.51
CA THR B 440 18.30 23.89 30.30
C THR B 440 18.52 23.08 31.56
N THR B 441 17.66 23.29 32.56
CA THR B 441 17.76 22.50 33.78
C THR B 441 17.24 21.12 33.48
N THR B 442 17.75 20.14 34.22
CA THR B 442 17.40 18.76 33.99
C THR B 442 16.49 18.15 35.08
N GLU B 443 15.96 19.02 35.93
CA GLU B 443 15.09 18.65 37.04
C GLU B 443 13.86 17.81 36.65
N LEU B 444 13.28 18.04 35.47
CA LEU B 444 12.10 17.30 35.03
C LEU B 444 12.40 15.99 34.26
N ASN B 445 13.68 15.68 34.07
CA ASN B 445 14.09 14.49 33.33
C ASN B 445 13.63 13.15 33.91
N TYR B 446 13.63 13.05 35.24
CA TYR B 446 13.20 11.82 35.89
C TYR B 446 11.91 12.03 36.65
N ARG B 447 11.02 11.04 36.64
CA ARG B 447 9.75 11.14 37.37
C ARG B 447 10.10 11.16 38.85
N SER B 448 9.42 12.01 39.61
CA SER B 448 9.68 12.11 41.06
C SER B 448 8.48 11.75 41.97
N SER B 449 7.36 11.31 41.38
CA SER B 449 6.18 10.94 42.15
C SER B 449 5.47 9.75 41.49
N PRO B 450 4.58 9.06 42.23
CA PRO B 450 3.86 7.92 41.65
C PRO B 450 3.01 8.34 40.47
N ILE B 451 2.63 7.39 39.63
CA ILE B 451 1.76 7.72 38.52
C ILE B 451 0.39 7.88 39.21
N ALA B 452 -0.20 9.07 39.13
CA ALA B 452 -1.49 9.33 39.74
C ALA B 452 -2.55 8.40 39.16
N CYS B 453 -3.65 8.24 39.87
CA CYS B 453 -4.73 7.38 39.41
C CYS B 453 -5.31 7.97 38.10
N GLN B 454 -5.19 7.20 37.02
CA GLN B 454 -5.68 7.62 35.71
C GLN B 454 -5.06 8.94 35.27
N GLU B 455 -3.81 9.16 35.67
CA GLU B 455 -3.10 10.41 35.36
C GLU B 455 -3.23 10.88 33.91
N GLY B 456 -3.81 12.07 33.77
CA GLY B 456 -4.00 12.71 32.48
C GLY B 456 -3.11 13.93 32.52
N ASP B 457 -3.69 15.13 32.49
CA ASP B 457 -2.91 16.38 32.54
C ASP B 457 -1.88 16.27 33.64
N ALA B 458 -0.68 16.71 33.38
CA ALA B 458 0.38 16.64 34.39
C ALA B 458 1.46 17.59 33.97
N MET B 459 2.28 18.00 34.93
CA MET B 459 3.38 18.90 34.62
C MET B 459 4.67 18.31 35.19
N ASP B 460 4.63 17.01 35.49
CA ASP B 460 5.78 16.31 36.02
C ASP B 460 5.54 14.80 35.94
C1 NAG C . -7.46 -39.23 -15.34
C2 NAG C . -8.44 -40.18 -16.05
C3 NAG C . -8.49 -41.48 -15.22
C4 NAG C . -7.09 -42.02 -14.89
C5 NAG C . -6.24 -40.90 -14.25
C6 NAG C . -4.81 -41.36 -14.04
C7 NAG C . -10.37 -39.42 -17.35
C8 NAG C . -11.72 -38.76 -17.39
N2 NAG C . -9.77 -39.57 -16.18
O3 NAG C . -9.24 -42.47 -15.92
O4 NAG C . -7.24 -43.02 -13.93
O5 NAG C . -6.15 -39.83 -15.17
O6 NAG C . -4.24 -41.76 -15.27
O7 NAG C . -9.89 -39.81 -18.41
C1 NAG C . -6.76 -44.27 -14.31
C2 NAG C . -6.65 -45.10 -13.01
C3 NAG C . -6.46 -46.57 -13.36
C4 NAG C . -7.52 -47.08 -14.35
C5 NAG C . -7.36 -46.22 -15.59
C6 NAG C . -8.36 -46.61 -16.68
C7 NAG C . -5.79 -43.91 -11.07
C8 NAG C . -4.62 -43.42 -10.30
N2 NAG C . -5.57 -44.59 -12.18
O3 NAG C . -6.52 -47.36 -12.15
O4 NAG C . -7.21 -48.42 -14.71
O5 NAG C . -7.65 -44.86 -15.26
O6 NAG C . -7.99 -46.02 -17.91
O7 NAG C . -6.91 -43.68 -10.64
C1 BMA C . -8.18 -49.44 -14.34
C2 BMA C . -8.01 -50.55 -15.40
C3 BMA C . -8.88 -51.79 -15.10
C4 BMA C . -8.66 -52.27 -13.67
C5 BMA C . -8.70 -51.16 -12.59
C6 BMA C . -8.20 -51.72 -11.25
O2 BMA C . -6.63 -50.95 -15.47
O3 BMA C . -8.60 -52.91 -15.99
O4 BMA C . -9.61 -53.30 -13.35
O5 BMA C . -7.90 -49.99 -13.03
O6 BMA C . -6.92 -52.44 -11.35
C1 MAN C . -9.60 -53.16 -16.91
C2 MAN C . -9.35 -54.50 -17.65
C3 MAN C . -8.05 -54.35 -18.46
C4 MAN C . -8.23 -53.17 -19.46
C5 MAN C . -8.57 -51.84 -18.76
C6 MAN C . -8.90 -50.75 -19.79
O2 MAN C . -10.46 -54.86 -18.58
O3 MAN C . -7.79 -55.56 -19.20
O4 MAN C . -7.04 -53.03 -20.24
O5 MAN C . -9.69 -52.03 -17.88
O6 MAN C . -9.26 -49.52 -19.19
C1 MAN C . -11.23 -55.73 -17.72
C2 MAN C . -12.09 -56.63 -18.65
C3 MAN C . -12.81 -55.66 -19.65
C4 MAN C . -13.79 -54.81 -18.82
C5 MAN C . -12.97 -54.05 -17.79
C6 MAN C . -13.89 -53.25 -16.88
O2 MAN C . -13.01 -57.32 -17.74
O3 MAN C . -13.54 -56.39 -20.65
O4 MAN C . -14.49 -53.89 -19.67
O5 MAN C . -12.16 -54.94 -16.97
O6 MAN C . -13.12 -52.43 -16.03
C1 MAN C . -12.41 -58.58 -17.48
C2 MAN C . -13.61 -59.55 -17.42
C3 MAN C . -14.65 -59.01 -16.38
C4 MAN C . -14.12 -58.63 -15.00
C5 MAN C . -12.73 -57.95 -15.11
C6 MAN C . -12.10 -57.81 -13.71
O2 MAN C . -13.15 -60.84 -17.00
O3 MAN C . -15.74 -59.92 -16.23
O4 MAN C . -15.05 -57.75 -14.35
O5 MAN C . -11.81 -58.53 -16.16
O6 MAN C . -11.11 -56.80 -13.69
C1 MAN C . -6.40 -53.14 -10.16
C2 MAN C . -4.93 -53.55 -10.43
C3 MAN C . -4.89 -54.62 -11.57
C4 MAN C . -5.68 -55.90 -11.17
C5 MAN C . -7.13 -55.49 -10.78
C6 MAN C . -8.00 -56.72 -10.44
O2 MAN C . -4.36 -54.08 -9.23
O3 MAN C . -3.54 -54.95 -11.91
O4 MAN C . -5.71 -56.81 -12.27
O5 MAN C . -7.19 -54.38 -9.82
O6 MAN C . -7.67 -57.28 -9.16
C1 NAG D . 28.85 11.59 29.25
C2 NAG D . 29.68 12.73 29.88
C3 NAG D . 31.12 12.25 29.94
C4 NAG D . 31.26 10.87 30.58
C5 NAG D . 30.27 9.88 29.90
C6 NAG D . 30.25 8.55 30.65
C7 NAG D . 29.18 15.10 29.61
C8 NAG D . 29.07 16.32 28.71
N2 NAG D . 29.56 13.95 29.08
O3 NAG D . 31.90 13.20 30.68
O4 NAG D . 32.58 10.42 30.37
O5 NAG D . 28.96 10.42 30.00
O6 NAG D . 29.81 8.73 31.99
O7 NAG D . 28.97 15.24 30.81
C1 NAG D . 33.28 10.13 31.55
C2 NAG D . 34.46 9.26 31.12
C3 NAG D . 35.47 9.18 32.28
C4 NAG D . 35.81 10.56 32.84
C5 NAG D . 34.48 11.15 33.32
C6 NAG D . 34.71 12.52 33.94
C7 NAG D . 33.96 7.57 29.44
C8 NAG D . 33.44 6.21 29.15
N2 NAG D . 34.00 7.95 30.70
O3 NAG D . 36.66 8.51 31.84
O4 NAG D . 36.60 10.41 34.01
O5 NAG D . 33.63 11.35 32.23
O6 NAG D . 33.52 12.98 34.53
O7 NAG D . 34.39 8.30 28.54
C1 BMA D . 37.86 11.02 33.93
C2 BMA D . 38.20 11.72 35.25
C3 BMA D . 39.68 12.13 35.31
C4 BMA D . 40.60 11.04 34.77
C5 BMA D . 40.11 10.44 33.42
C6 BMA D . 40.99 9.25 32.97
O2 BMA D . 37.91 10.84 36.34
O3 BMA D . 40.13 12.58 36.62
O4 BMA D . 41.92 11.57 34.62
O5 BMA D . 38.78 9.97 33.62
O6 BMA D . 40.92 8.18 33.95
C1 MAN D . 40.21 14.03 36.74
C2 MAN D . 41.19 14.37 37.92
C3 MAN D . 40.54 13.80 39.22
C4 MAN D . 39.09 14.24 39.45
C5 MAN D . 38.18 14.06 38.21
C6 MAN D . 36.84 14.77 38.42
O2 MAN D . 41.38 15.79 38.04
O3 MAN D . 41.33 14.14 40.36
O4 MAN D . 38.53 13.52 40.56
O5 MAN D . 38.85 14.52 36.97
O6 MAN D . 35.97 14.58 37.31
C1 MAN D . 41.83 7.08 33.83
C2 MAN D . 41.40 5.91 34.80
C3 MAN D . 41.53 6.31 36.30
C4 MAN D . 42.95 6.82 36.57
C5 MAN D . 43.37 7.94 35.54
C6 MAN D . 44.83 8.39 35.76
O2 MAN D . 42.20 4.76 34.51
O3 MAN D . 41.25 5.17 37.15
O4 MAN D . 43.03 7.33 37.91
O5 MAN D . 43.18 7.55 34.13
O6 MAN D . 45.76 7.39 35.36
C1 NAG E . -22.93 -8.94 -23.82
C2 NAG E . -23.93 -8.40 -24.86
C3 NAG E . -24.85 -9.56 -25.25
C4 NAG E . -24.04 -10.82 -25.67
C5 NAG E . -23.07 -11.20 -24.54
C6 NAG E . -22.19 -12.36 -24.97
C7 NAG E . -24.48 -6.03 -24.68
C8 NAG E . -25.31 -4.94 -24.06
N2 NAG E . -24.71 -7.28 -24.31
O3 NAG E . -25.68 -9.15 -26.34
O4 NAG E . -24.92 -11.92 -25.91
O5 NAG E . -22.22 -10.11 -24.29
O6 NAG E . -21.47 -12.02 -26.15
O7 NAG E . -23.68 -5.74 -25.56
C1 NAG F . -12.79 -25.22 -33.68
C2 NAG F . -12.31 -23.77 -33.57
C3 NAG F . -12.37 -23.17 -34.98
C4 NAG F . -11.59 -24.05 -35.97
C5 NAG F . -12.21 -25.46 -35.94
C6 NAG F . -11.51 -26.39 -36.91
C7 NAG F . -12.56 -22.27 -31.69
C8 NAG F . -13.57 -21.56 -30.79
N2 NAG F . -13.12 -23.02 -32.63
O3 NAG F . -11.83 -21.84 -34.96
O4 NAG F . -11.71 -23.50 -37.29
O5 NAG F . -12.04 -25.98 -34.66
O6 NAG F . -10.19 -26.64 -36.50
O7 NAG F . -11.34 -22.15 -31.56
S SO4 G . -26.88 -22.39 -11.01
O1 SO4 G . -26.00 -23.26 -10.20
O2 SO4 G . -26.25 -22.14 -12.32
O3 SO4 G . -28.19 -23.05 -11.18
O4 SO4 G . -27.09 -21.09 -10.34
S SO4 H . 9.26 -4.71 -24.16
O1 SO4 H . 9.91 -6.03 -24.34
O2 SO4 H . 10.23 -3.79 -23.54
O3 SO4 H . 8.76 -4.17 -25.45
O4 SO4 H . 8.11 -4.88 -23.23
S SO4 I . -5.29 9.59 -7.06
O1 SO4 I . -4.15 9.04 -6.29
O2 SO4 I . -4.78 10.32 -8.23
O3 SO4 I . -6.16 8.49 -7.53
O4 SO4 I . -6.12 10.47 -6.20
S SO4 J . 8.89 -5.55 -32.19
O1 SO4 J . 9.57 -5.78 -30.91
O2 SO4 J . 9.60 -4.49 -32.93
O3 SO4 J . 8.92 -6.79 -32.98
O4 SO4 J . 7.49 -5.14 -31.93
S SO4 K . -15.25 -23.06 -1.88
O1 SO4 K . -15.67 -24.41 -2.30
O2 SO4 K . -13.83 -23.08 -1.51
O3 SO4 K . -15.45 -22.14 -3.02
O4 SO4 K . -16.08 -22.64 -0.74
C1 GOL L . 1.48 -6.93 -28.31
O1 GOL L . 2.81 -7.39 -28.35
C2 GOL L . 0.53 -8.00 -28.85
O2 GOL L . 0.81 -8.10 -30.25
C3 GOL L . -0.90 -7.50 -28.72
O3 GOL L . -1.81 -8.45 -29.23
C1 GOL M . 6.54 -25.75 -24.32
O1 GOL M . 6.01 -26.06 -25.60
C2 GOL M . 7.80 -26.56 -24.00
O2 GOL M . 8.07 -27.71 -24.80
C3 GOL M . 7.93 -26.86 -22.52
O3 GOL M . 8.81 -27.96 -22.33
C1 GOL N . -24.68 -15.66 -25.70
O1 GOL N . -25.31 -16.73 -25.05
C2 GOL N . -24.52 -15.93 -27.21
O2 GOL N . -23.80 -14.84 -27.80
C3 GOL N . -23.66 -17.17 -27.47
O3 GOL N . -23.47 -17.35 -28.86
C1 NAG O . 5.46 31.41 12.20
C2 NAG O . 4.92 32.86 12.20
C3 NAG O . 6.05 33.76 12.75
C4 NAG O . 6.58 33.22 14.10
C5 NAG O . 7.07 31.79 13.91
C6 NAG O . 7.55 31.23 15.23
C7 NAG O . 3.23 33.43 10.55
C8 NAG O . 2.82 33.84 9.20
N2 NAG O . 4.51 33.26 10.86
O3 NAG O . 5.55 35.10 12.93
O4 NAG O . 7.68 34.04 14.53
O5 NAG O . 5.98 31.02 13.55
O6 NAG O . 6.49 31.26 16.16
O7 NAG O . 2.31 33.24 11.35
C1 NAG P . 11.26 27.12 32.55
C2 NAG P . 9.91 26.76 31.89
C3 NAG P . 8.81 27.55 32.58
C4 NAG P . 8.90 27.40 34.10
C5 NAG P . 10.25 27.91 34.55
C6 NAG P . 10.34 27.79 36.07
C7 NAG P . 9.54 26.09 29.58
C8 NAG P . 9.60 26.48 28.14
N2 NAG P . 9.92 27.02 30.46
O3 NAG P . 7.55 27.07 32.12
O4 NAG P . 7.87 28.18 34.72
O5 NAG P . 11.22 27.05 33.98
O6 NAG P . 10.20 26.43 36.44
O7 NAG P . 9.16 24.97 29.94
S SO4 Q . 23.44 26.77 8.44
O1 SO4 Q . 24.00 25.39 8.60
O2 SO4 Q . 22.64 27.10 9.64
O3 SO4 Q . 24.57 27.71 8.32
O4 SO4 Q . 22.57 26.83 7.25
S SO4 R . -9.60 5.21 23.97
O1 SO4 R . -8.80 4.78 25.14
O2 SO4 R . -10.40 4.06 23.52
O3 SO4 R . -10.46 6.41 24.28
O4 SO4 R . -8.66 5.60 22.90
S SO4 S . -8.97 8.88 -2.66
O1 SO4 S . -8.33 7.56 -2.65
O2 SO4 S . -10.30 8.85 -1.97
O3 SO4 S . -8.09 9.83 -1.95
O4 SO4 S . -9.13 9.33 -4.05
S SO4 T . -12.04 9.76 29.81
O1 SO4 T . -11.57 8.43 29.37
O2 SO4 T . -13.52 9.74 29.90
O3 SO4 T . -11.50 10.05 31.17
O4 SO4 T . -11.58 10.75 28.83
S SO4 U . 23.82 11.89 7.36
O1 SO4 U . 24.97 12.36 8.14
O2 SO4 U . 23.45 10.53 7.79
O3 SO4 U . 22.68 12.81 7.60
O4 SO4 U . 24.16 11.90 5.92
S SO4 V . 6.95 33.33 -0.43
O1 SO4 V . 6.85 32.57 -1.71
O2 SO4 V . 8.10 32.85 0.36
O3 SO4 V . 7.12 34.76 -0.73
O4 SO4 V . 5.70 33.13 0.34
C1 GOL W . -6.87 13.79 24.72
O1 GOL W . -6.98 12.63 25.52
C2 GOL W . -5.87 14.77 25.36
O2 GOL W . -6.39 15.23 26.61
C3 GOL W . -5.63 15.94 24.40
O3 GOL W . -4.65 16.81 24.91
C1 GOL X . 8.91 5.81 34.36
O1 GOL X . 8.89 6.92 35.25
C2 GOL X . 9.34 4.52 35.08
O2 GOL X . 10.00 4.62 36.34
C3 GOL X . 10.06 3.54 34.15
O3 GOL X . 10.83 2.65 34.90
C1 GOL Y . 11.60 35.57 17.90
O1 GOL Y . 10.24 35.97 17.91
C2 GOL Y . 11.78 34.09 17.55
O2 GOL Y . 10.90 33.48 16.58
C3 GOL Y . 13.24 34.01 17.09
O3 GOL Y . 14.09 34.38 18.16
#